data_6T9D
#
_entry.id   6T9D
#
_cell.length_a   70.080
_cell.length_b   107.875
_cell.length_c   87.369
_cell.angle_alpha   90.000
_cell.angle_beta   95.340
_cell.angle_gamma   90.000
#
_symmetry.space_group_name_H-M   'P 1 21 1'
#
loop_
_entity.id
_entity.type
_entity.pdbx_description
1 polymer 'VP mat DutaFab VH chain'
2 polymer 'VP mat DutaFab VL chain'
3 polymer 'Vascular endothelial growth factor A'
4 water water
#
loop_
_entity_poly.entity_id
_entity_poly.type
_entity_poly.pdbx_seq_one_letter_code
_entity_poly.pdbx_strand_id
1 'polypeptide(L)'
;DLQLVESGGGLVKPGGSLRLSCAADGWWFGYTDMSWVRQAPGKGLEWVGSISYKGGSTYYNTKFIGRFTISRDDDTNTLY
LQMNSLRAEDTAVYYCARDDGYFDTWGQGTLVTVSSASTKGPSVFPLAPSSKSTSGGTAALGCLVKDYFPEPVTVSWNSG
ALTSGVHTFPAVLQSSGLYSLSSVVTVPSSSLGTKTYICNVNHKPSNTKVDKKVEPKSCT
;
AAA,HHH
2 'polypeptide(L)'
;AIQMTQSPSSLSASVGDRVTITCHGSYWLSNYLAWYQQKPGKAPKLLIYDGKEREHGVPSRFSGSGSHEDYTLTISSLQP
EDFATYYCQQYRYHPYTFGQGTKLEIKRTVAAPSVFIFPPSDEQLKSGTASVVCLLNNFYPREAKVQWKVDNALQSGNSQ
ESVTEQDSKDSTYSLSSTLTLSKADYEKHKVYACEVTHQGLSSPVTKSFNRGE
;
BBB,LLL
3 'polypeptide(L)'
;APMAEGGGQNHHEVVKFMDVYQRSYCHPIETLVDIFQEYPDEIEYIFKPSCVPLMRCGGCCNDEGLECVPTEESNITMQI
MRIKPHQGQHIGEMSFLQHNKCECRPKKDRARQENCDKPRR
;
CCC,DDD
#
# COMPACT_ATOMS: atom_id res chain seq x y z
N GLN A 3 19.58 13.49 -24.05
CA GLN A 3 18.44 12.55 -24.29
C GLN A 3 18.97 11.17 -24.72
N LEU A 4 18.04 10.20 -24.77
CA LEU A 4 18.26 8.74 -24.95
C LEU A 4 17.11 8.14 -25.78
N VAL A 5 17.39 7.22 -26.71
CA VAL A 5 16.36 6.63 -27.61
C VAL A 5 16.54 5.11 -27.69
N GLU A 6 15.58 4.35 -27.16
CA GLU A 6 15.63 2.86 -27.17
C GLU A 6 15.05 2.34 -28.50
N SER A 7 15.78 1.44 -29.17
CA SER A 7 15.29 0.54 -30.26
C SER A 7 15.37 -0.90 -29.75
N GLY A 8 14.93 -1.85 -30.59
CA GLY A 8 15.12 -3.30 -30.38
C GLY A 8 13.84 -3.97 -29.89
N GLY A 9 12.91 -3.17 -29.34
CA GLY A 9 11.69 -3.67 -28.70
C GLY A 9 10.76 -4.36 -29.68
N GLY A 10 9.76 -5.08 -29.17
CA GLY A 10 8.64 -5.63 -29.97
C GLY A 10 8.20 -7.01 -29.50
N LEU A 11 7.97 -7.92 -30.45
CA LEU A 11 7.40 -9.27 -30.18
C LEU A 11 8.53 -10.30 -30.12
N VAL A 12 8.41 -11.28 -29.22
CA VAL A 12 9.40 -12.37 -28.97
C VAL A 12 8.67 -13.61 -28.44
N LYS A 13 9.04 -14.79 -28.92
CA LYS A 13 8.47 -16.10 -28.49
C LYS A 13 9.02 -16.43 -27.10
N PRO A 14 8.27 -17.12 -26.22
CA PRO A 14 8.81 -17.61 -24.97
C PRO A 14 10.10 -18.44 -25.19
N GLY A 15 11.06 -18.32 -24.28
CA GLY A 15 12.43 -18.89 -24.40
C GLY A 15 13.32 -18.03 -25.28
N GLY A 16 12.74 -17.30 -26.24
CA GLY A 16 13.51 -16.58 -27.27
C GLY A 16 14.43 -15.54 -26.67
N SER A 17 15.31 -14.98 -27.51
CA SER A 17 16.24 -13.87 -27.17
C SER A 17 15.74 -12.55 -27.78
N LEU A 18 16.31 -11.42 -27.33
CA LEU A 18 16.13 -10.08 -27.93
C LEU A 18 17.26 -9.15 -27.48
N ARG A 19 17.76 -8.30 -28.40
CA ARG A 19 18.72 -7.22 -28.04
C ARG A 19 18.01 -5.87 -28.11
N LEU A 20 18.10 -5.12 -27.02
CA LEU A 20 17.74 -3.70 -26.96
C LEU A 20 19.03 -2.91 -27.15
N SER A 21 18.98 -1.93 -28.05
CA SER A 21 19.97 -0.83 -28.19
C SER A 21 19.37 0.48 -27.68
N CYS A 22 20.17 1.33 -27.05
CA CYS A 22 19.75 2.71 -26.68
C CYS A 22 20.82 3.73 -27.06
N ALA A 23 20.46 4.66 -27.94
CA ALA A 23 21.31 5.68 -28.56
C ALA A 23 21.21 7.00 -27.78
N ALA A 24 22.33 7.47 -27.28
CA ALA A 24 22.53 8.73 -26.55
C ALA A 24 23.13 9.76 -27.50
N ASP A 25 22.74 11.02 -27.36
CA ASP A 25 22.98 12.08 -28.39
C ASP A 25 24.43 12.58 -28.32
N GLY A 26 25.10 12.55 -27.16
CA GLY A 26 26.34 13.33 -26.95
C GLY A 26 27.46 12.57 -26.24
N TRP A 27 28.70 12.94 -26.56
CA TRP A 27 29.99 12.58 -25.90
C TRP A 27 29.85 12.20 -24.41
N TRP A 28 28.94 12.85 -23.66
CA TRP A 28 28.78 12.74 -22.18
C TRP A 28 28.55 11.28 -21.78
N PHE A 29 27.87 10.51 -22.65
CA PHE A 29 27.60 9.05 -22.56
C PHE A 29 28.89 8.30 -22.24
N GLY A 30 30.00 8.77 -22.76
CA GLY A 30 31.32 8.16 -22.54
C GLY A 30 31.79 8.28 -21.11
N TYR A 31 31.19 9.15 -20.32
CA TYR A 31 31.72 9.61 -18.99
C TYR A 31 30.76 9.28 -17.83
N THR A 32 29.68 8.55 -18.08
CA THR A 32 28.70 8.14 -17.05
C THR A 32 28.58 6.63 -16.98
N ASP A 33 28.15 6.15 -15.82
CA ASP A 33 27.52 4.82 -15.70
C ASP A 33 26.19 4.93 -16.45
N MET A 34 25.66 3.79 -16.92
CA MET A 34 24.38 3.69 -17.66
C MET A 34 23.60 2.49 -17.11
N SER A 35 22.35 2.74 -16.73
CA SER A 35 21.39 1.72 -16.21
C SER A 35 20.36 1.40 -17.29
N TRP A 36 19.76 0.21 -17.15
CA TRP A 36 18.44 -0.13 -17.71
C TRP A 36 17.45 -0.27 -16.55
N VAL A 37 16.27 0.34 -16.67
CA VAL A 37 15.13 0.15 -15.73
C VAL A 37 13.97 -0.37 -16.58
N ARG A 38 13.23 -1.38 -16.11
CA ARG A 38 12.04 -1.91 -16.83
C ARG A 38 10.79 -1.73 -15.95
N GLN A 39 9.60 -1.98 -16.52
CA GLN A 39 8.29 -1.78 -15.86
C GLN A 39 7.19 -2.52 -16.64
N ALA A 40 6.56 -3.53 -16.02
CA ALA A 40 5.48 -4.35 -16.62
C ALA A 40 4.20 -3.52 -16.70
N PRO A 41 3.25 -3.79 -17.63
CA PRO A 41 2.01 -3.01 -17.70
C PRO A 41 1.30 -3.00 -16.34
N GLY A 42 1.09 -1.81 -15.78
CA GLY A 42 0.31 -1.58 -14.54
C GLY A 42 1.13 -1.73 -13.28
N LYS A 43 2.15 -2.61 -13.28
CA LYS A 43 3.12 -2.82 -12.18
C LYS A 43 4.07 -1.62 -12.13
N GLY A 44 5.05 -1.66 -11.22
CA GLY A 44 5.95 -0.53 -10.92
C GLY A 44 7.32 -0.69 -11.55
N LEU A 45 8.23 0.22 -11.22
CA LEU A 45 9.61 0.30 -11.77
C LEU A 45 10.50 -0.73 -11.08
N GLU A 46 11.57 -1.12 -11.78
CA GLU A 46 12.49 -2.21 -11.39
C GLU A 46 13.82 -2.02 -12.13
N TRP A 47 14.90 -1.72 -11.40
CA TRP A 47 16.27 -1.67 -11.97
C TRP A 47 16.55 -3.03 -12.64
N VAL A 48 17.05 -3.01 -13.88
CA VAL A 48 17.54 -4.23 -14.57
C VAL A 48 19.00 -4.41 -14.18
N GLY A 49 19.83 -3.48 -14.63
CA GLY A 49 21.30 -3.59 -14.50
C GLY A 49 21.99 -2.32 -14.95
N SER A 50 23.28 -2.23 -14.68
CA SER A 50 24.11 -1.08 -15.09
C SER A 50 25.47 -1.55 -15.64
N ILE A 51 26.20 -0.61 -16.24
CA ILE A 51 27.61 -0.77 -16.67
C ILE A 51 28.36 0.50 -16.24
N SER A 52 29.62 0.33 -15.84
CA SER A 52 30.53 1.37 -15.28
C SER A 52 31.03 2.27 -16.43
N TYR A 53 31.83 3.28 -16.11
CA TYR A 53 32.12 4.47 -16.95
C TYR A 53 33.02 4.07 -18.14
N LYS A 54 34.12 3.37 -17.87
CA LYS A 54 35.05 2.89 -18.93
C LYS A 54 34.51 1.58 -19.51
N GLY A 55 33.77 0.82 -18.71
CA GLY A 55 33.32 -0.55 -19.00
C GLY A 55 33.91 -1.57 -18.04
N GLY A 56 34.66 -1.11 -17.02
CA GLY A 56 35.32 -1.94 -15.98
C GLY A 56 34.39 -3.01 -15.42
N SER A 57 33.15 -2.65 -15.08
CA SER A 57 32.16 -3.48 -14.34
C SER A 57 30.77 -3.42 -15.00
N THR A 58 30.07 -4.56 -15.04
CA THR A 58 28.60 -4.66 -15.27
C THR A 58 27.95 -5.15 -13.97
N TYR A 59 26.66 -4.93 -13.80
CA TYR A 59 25.89 -5.32 -12.60
C TYR A 59 24.45 -5.57 -13.01
N TYR A 60 23.74 -6.39 -12.23
CA TYR A 60 22.40 -6.93 -12.56
C TYR A 60 21.59 -7.05 -11.28
N ASN A 61 20.29 -6.79 -11.38
CA ASN A 61 19.27 -7.15 -10.36
C ASN A 61 19.15 -8.68 -10.31
N THR A 62 18.63 -9.21 -9.22
CA THR A 62 18.78 -10.64 -8.86
C THR A 62 18.14 -11.53 -9.95
N LYS A 63 16.98 -11.12 -10.48
CA LYS A 63 16.13 -11.95 -11.38
C LYS A 63 16.75 -12.01 -12.80
N PHE A 64 17.87 -11.34 -13.03
CA PHE A 64 18.51 -11.21 -14.38
C PHE A 64 19.96 -11.71 -14.35
N ILE A 65 20.49 -12.07 -13.18
CA ILE A 65 21.95 -12.37 -13.04
C ILE A 65 22.33 -13.49 -14.02
N GLY A 66 21.55 -14.55 -14.11
CA GLY A 66 21.99 -15.68 -14.97
C GLY A 66 21.83 -15.47 -16.47
N ARG A 67 21.19 -14.38 -16.96
CA ARG A 67 20.44 -14.48 -18.24
C ARG A 67 20.45 -13.21 -19.10
N PHE A 68 20.78 -12.04 -18.55
CA PHE A 68 20.94 -10.78 -19.33
C PHE A 68 22.42 -10.39 -19.36
N THR A 69 22.85 -9.76 -20.46
CA THR A 69 24.21 -9.20 -20.60
C THR A 69 24.06 -7.75 -21.03
N ILE A 70 24.67 -6.80 -20.29
CA ILE A 70 24.72 -5.36 -20.67
C ILE A 70 26.09 -5.07 -21.29
N SER A 71 26.06 -4.47 -22.49
CA SER A 71 27.22 -4.12 -23.34
C SER A 71 27.12 -2.63 -23.70
N ARG A 72 28.25 -2.02 -24.05
CA ARG A 72 28.33 -0.57 -24.31
C ARG A 72 29.38 -0.30 -25.38
N ASP A 73 29.06 0.54 -26.38
CA ASP A 73 30.00 1.01 -27.45
C ASP A 73 30.23 2.53 -27.30
N ASP A 74 31.33 2.92 -26.61
CA ASP A 74 31.69 4.32 -26.26
C ASP A 74 32.09 5.14 -27.51
N ASP A 75 32.05 4.54 -28.70
CA ASP A 75 32.36 5.21 -29.99
C ASP A 75 31.05 5.73 -30.58
N THR A 76 30.09 4.84 -30.84
CA THR A 76 28.74 5.17 -31.39
C THR A 76 27.85 5.83 -30.32
N ASN A 77 28.27 5.84 -29.05
CA ASN A 77 27.49 6.33 -27.87
C ASN A 77 26.20 5.52 -27.71
N THR A 78 26.26 4.20 -27.84
CA THR A 78 25.12 3.25 -27.78
C THR A 78 25.28 2.31 -26.58
N LEU A 79 24.21 2.17 -25.78
CA LEU A 79 24.09 1.15 -24.72
C LEU A 79 23.27 -0.01 -25.28
N TYR A 80 23.60 -1.24 -24.85
CA TYR A 80 22.97 -2.51 -25.29
C TYR A 80 22.49 -3.34 -24.09
N LEU A 81 21.31 -3.97 -24.21
CA LEU A 81 20.80 -5.04 -23.29
C LEU A 81 20.39 -6.28 -24.09
N GLN A 82 21.23 -7.32 -24.03
CA GLN A 82 21.00 -8.69 -24.52
C GLN A 82 20.11 -9.42 -23.51
N MET A 83 18.95 -9.92 -23.95
CA MET A 83 17.98 -10.63 -23.08
C MET A 83 17.78 -12.03 -23.67
N ASN A 84 17.93 -13.06 -22.83
CA ASN A 84 17.80 -14.50 -23.18
C ASN A 84 16.78 -15.13 -22.23
N SER A 85 16.23 -16.29 -22.59
CA SER A 85 15.31 -17.06 -21.72
C SER A 85 14.15 -16.17 -21.30
N LEU A 86 13.43 -15.58 -22.25
CA LEU A 86 12.34 -14.60 -21.97
C LEU A 86 11.05 -15.35 -21.61
N ARG A 87 10.37 -14.93 -20.54
CA ARG A 87 9.01 -15.38 -20.13
C ARG A 87 8.04 -14.17 -20.07
N ALA A 88 6.74 -14.44 -19.95
CA ALA A 88 5.70 -13.43 -19.67
C ALA A 88 6.22 -12.40 -18.66
N GLU A 89 6.69 -12.85 -17.49
CA GLU A 89 7.33 -12.00 -16.44
C GLU A 89 8.07 -10.83 -17.08
N ASP A 90 8.64 -11.01 -18.28
CA ASP A 90 9.59 -10.05 -18.91
C ASP A 90 8.88 -9.12 -19.90
N THR A 91 7.62 -9.39 -20.24
CA THR A 91 6.76 -8.45 -21.00
C THR A 91 6.70 -7.15 -20.19
N ALA A 92 7.30 -6.08 -20.73
CA ALA A 92 7.50 -4.79 -20.02
C ALA A 92 8.07 -3.74 -20.95
N VAL A 93 7.86 -2.47 -20.60
CA VAL A 93 8.55 -1.30 -21.19
C VAL A 93 9.93 -1.27 -20.56
N TYR A 94 10.99 -1.25 -21.38
CA TYR A 94 12.40 -1.23 -20.94
C TYR A 94 12.99 0.16 -21.19
N TYR A 95 13.34 0.86 -20.13
CA TYR A 95 13.99 2.20 -20.16
C TYR A 95 15.51 2.07 -20.01
N CYS A 96 16.19 2.69 -20.96
CA CYS A 96 17.57 3.21 -20.91
C CYS A 96 17.61 4.46 -20.02
N ALA A 97 18.55 4.58 -19.10
CA ALA A 97 18.62 5.70 -18.12
C ALA A 97 20.04 5.93 -17.60
N ARG A 98 20.33 7.16 -17.20
CA ARG A 98 21.69 7.57 -16.81
C ARG A 98 21.86 7.26 -15.33
N ASP A 99 22.85 6.43 -15.01
CA ASP A 99 23.11 5.95 -13.64
C ASP A 99 24.11 6.90 -12.98
N ASP A 100 23.68 7.57 -11.91
CA ASP A 100 24.60 8.26 -10.97
C ASP A 100 24.10 8.00 -9.55
N GLY A 101 23.74 6.74 -9.28
CA GLY A 101 22.89 6.37 -8.13
C GLY A 101 21.44 6.62 -8.49
N TYR A 102 21.04 7.90 -8.49
CA TYR A 102 19.73 8.36 -9.02
C TYR A 102 19.81 8.40 -10.55
N PHE A 103 18.66 8.57 -11.19
CA PHE A 103 18.46 8.49 -12.67
C PHE A 103 17.93 9.83 -13.14
N ASP A 104 18.81 10.77 -13.52
CA ASP A 104 18.43 12.17 -13.89
C ASP A 104 17.97 12.24 -15.35
N THR A 105 18.30 11.26 -16.19
CA THR A 105 17.98 11.22 -17.65
C THR A 105 17.36 9.87 -18.03
N TRP A 106 16.19 9.89 -18.67
CA TRP A 106 15.50 8.65 -19.15
C TRP A 106 15.31 8.76 -20.67
N GLY A 107 15.24 7.61 -21.34
CA GLY A 107 14.62 7.49 -22.67
C GLY A 107 13.11 7.53 -22.53
N GLN A 108 12.40 7.36 -23.65
CA GLN A 108 10.91 7.28 -23.72
C GLN A 108 10.49 5.82 -23.47
N GLY A 109 11.45 4.89 -23.59
CA GLY A 109 11.27 3.46 -23.32
C GLY A 109 10.58 2.77 -24.49
N THR A 110 10.85 1.47 -24.69
CA THR A 110 10.22 0.61 -25.73
C THR A 110 9.63 -0.65 -25.10
N LEU A 111 8.58 -1.19 -25.71
CA LEU A 111 7.79 -2.35 -25.21
C LEU A 111 8.31 -3.65 -25.83
N VAL A 112 8.86 -4.51 -24.98
CA VAL A 112 9.14 -5.94 -25.29
C VAL A 112 7.91 -6.77 -24.87
N THR A 113 7.22 -7.40 -25.80
CA THR A 113 6.05 -8.28 -25.52
C THR A 113 6.46 -9.73 -25.74
N VAL A 114 6.38 -10.57 -24.71
CA VAL A 114 6.69 -12.02 -24.81
C VAL A 114 5.37 -12.77 -24.97
N SER A 115 5.15 -13.42 -26.12
CA SER A 115 3.91 -14.17 -26.47
C SER A 115 4.14 -15.09 -27.67
N SER A 116 3.29 -16.10 -27.81
CA SER A 116 3.30 -17.04 -28.96
C SER A 116 2.62 -16.40 -30.17
N ALA A 117 1.52 -15.65 -29.96
CA ALA A 117 0.56 -15.17 -30.99
C ALA A 117 1.26 -14.31 -32.05
N SER A 118 0.60 -14.17 -33.20
CA SER A 118 1.15 -13.59 -34.45
C SER A 118 0.92 -12.08 -34.46
N THR A 119 1.90 -11.33 -34.95
CA THR A 119 1.75 -9.89 -35.29
C THR A 119 0.55 -9.77 -36.22
N LYS A 120 -0.26 -8.72 -36.04
CA LYS A 120 -1.40 -8.38 -36.91
C LYS A 120 -1.61 -6.87 -36.80
N GLY A 121 -1.80 -6.21 -37.94
CA GLY A 121 -1.96 -4.74 -38.04
C GLY A 121 -3.44 -4.34 -38.02
N PRO A 122 -3.74 -3.09 -37.61
CA PRO A 122 -5.12 -2.68 -37.36
C PRO A 122 -5.83 -2.28 -38.65
N SER A 123 -7.15 -2.39 -38.70
CA SER A 123 -8.02 -1.60 -39.60
C SER A 123 -8.37 -0.29 -38.89
N VAL A 124 -8.33 0.82 -39.63
CA VAL A 124 -8.62 2.18 -39.08
C VAL A 124 -9.94 2.67 -39.66
N PHE A 125 -10.98 2.73 -38.82
CA PHE A 125 -12.36 3.10 -39.21
C PHE A 125 -12.72 4.44 -38.56
N PRO A 126 -13.40 5.35 -39.28
CA PRO A 126 -13.81 6.63 -38.69
C PRO A 126 -15.02 6.56 -37.75
N LEU A 127 -14.97 7.33 -36.67
CA LEU A 127 -16.14 7.76 -35.87
C LEU A 127 -16.49 9.16 -36.34
N ALA A 128 -17.47 9.28 -37.24
CA ALA A 128 -17.79 10.55 -37.93
C ALA A 128 -18.82 11.34 -37.11
N PRO A 129 -18.67 12.69 -37.04
CA PRO A 129 -19.59 13.52 -36.27
C PRO A 129 -20.98 13.59 -36.91
N SER A 130 -22.01 13.65 -36.06
CA SER A 130 -23.45 13.47 -36.39
C SER A 130 -24.06 14.82 -36.84
N SER A 131 -25.24 15.20 -36.32
CA SER A 131 -26.03 16.39 -36.75
C SER A 131 -25.92 17.53 -35.71
N LYS A 132 -26.17 17.26 -34.42
CA LYS A 132 -26.12 18.26 -33.33
C LYS A 132 -24.69 18.43 -32.80
N GLY A 137 -22.30 24.75 -31.20
CA GLY A 137 -21.64 24.30 -29.95
C GLY A 137 -20.52 23.30 -30.22
N THR A 138 -20.40 22.28 -29.37
CA THR A 138 -19.26 21.31 -29.35
C THR A 138 -19.73 19.98 -29.95
N ALA A 139 -18.87 19.38 -30.78
CA ALA A 139 -19.13 18.16 -31.58
C ALA A 139 -17.93 17.21 -31.48
N ALA A 140 -18.20 15.90 -31.42
CA ALA A 140 -17.21 14.84 -31.20
C ALA A 140 -17.04 13.99 -32.47
N LEU A 141 -15.79 13.62 -32.75
CA LEU A 141 -15.40 12.69 -33.84
C LEU A 141 -14.15 11.92 -33.39
N GLY A 142 -13.73 10.92 -34.16
CA GLY A 142 -12.61 10.06 -33.76
C GLY A 142 -12.26 8.98 -34.78
N CYS A 143 -11.32 8.13 -34.40
CA CYS A 143 -10.82 6.97 -35.19
C CYS A 143 -10.95 5.73 -34.30
N LEU A 144 -11.42 4.63 -34.88
CA LEU A 144 -11.44 3.29 -34.25
C LEU A 144 -10.30 2.45 -34.84
N VAL A 145 -9.29 2.15 -34.03
CA VAL A 145 -8.14 1.28 -34.41
C VAL A 145 -8.41 -0.14 -33.88
N LYS A 146 -8.66 -1.08 -34.79
CA LYS A 146 -9.31 -2.38 -34.47
C LYS A 146 -8.42 -3.57 -34.85
N ASP A 147 -8.50 -4.63 -34.04
CA ASP A 147 -7.95 -5.99 -34.25
C ASP A 147 -6.44 -5.94 -34.57
N TYR A 148 -5.63 -5.45 -33.63
CA TYR A 148 -4.15 -5.40 -33.77
C TYR A 148 -3.46 -6.14 -32.61
N PHE A 149 -2.23 -6.56 -32.85
CA PHE A 149 -1.36 -7.26 -31.87
C PHE A 149 0.08 -7.20 -32.36
N PRO A 150 1.08 -7.11 -31.45
CA PRO A 150 0.85 -6.73 -30.05
C PRO A 150 0.70 -5.21 -29.88
N GLU A 151 0.70 -4.73 -28.63
CA GLU A 151 0.87 -3.29 -28.32
C GLU A 151 2.26 -2.86 -28.77
N PRO A 152 2.55 -1.57 -29.05
CA PRO A 152 1.58 -0.47 -28.96
C PRO A 152 1.09 0.12 -30.29
N VAL A 153 0.05 0.94 -30.20
CA VAL A 153 -0.45 1.85 -31.28
C VAL A 153 -0.32 3.29 -30.80
N THR A 154 0.32 4.17 -31.57
CA THR A 154 0.31 5.65 -31.38
C THR A 154 -0.83 6.25 -32.21
N VAL A 155 -1.56 7.22 -31.66
CA VAL A 155 -2.55 8.04 -32.41
C VAL A 155 -2.25 9.52 -32.16
N SER A 156 -2.00 10.27 -33.23
CA SER A 156 -1.90 11.75 -33.23
C SER A 156 -3.03 12.30 -34.13
N TRP A 157 -3.32 13.60 -34.06
CA TRP A 157 -4.39 14.29 -34.84
C TRP A 157 -3.79 15.51 -35.52
N ASN A 158 -4.04 15.64 -36.83
CA ASN A 158 -3.49 16.67 -37.77
C ASN A 158 -1.98 16.80 -37.50
N SER A 159 -1.30 15.65 -37.37
CA SER A 159 0.18 15.51 -37.28
C SER A 159 0.74 16.32 -36.12
N GLY A 160 0.00 16.48 -35.02
CA GLY A 160 0.52 17.15 -33.81
C GLY A 160 0.02 18.58 -33.65
N ALA A 161 -0.60 19.13 -34.69
CA ALA A 161 -1.18 20.50 -34.73
C ALA A 161 -2.46 20.60 -33.88
N LEU A 162 -3.01 19.46 -33.44
CA LEU A 162 -4.28 19.34 -32.67
C LEU A 162 -4.04 18.36 -31.53
N THR A 163 -4.02 18.88 -30.30
CA THR A 163 -3.64 18.10 -29.09
C THR A 163 -4.71 18.28 -28.01
N SER A 164 -5.08 19.52 -27.70
CA SER A 164 -6.13 19.82 -26.70
C SER A 164 -7.47 19.36 -27.28
N GLY A 165 -8.32 18.79 -26.43
CA GLY A 165 -9.62 18.21 -26.82
C GLY A 165 -9.54 16.70 -26.96
N VAL A 166 -8.33 16.14 -27.09
CA VAL A 166 -8.09 14.73 -27.56
C VAL A 166 -8.14 13.77 -26.37
N HIS A 167 -8.57 12.52 -26.64
CA HIS A 167 -8.63 11.38 -25.69
C HIS A 167 -8.38 10.08 -26.49
N THR A 168 -7.17 9.54 -26.41
CA THR A 168 -6.76 8.24 -26.98
C THR A 168 -6.89 7.20 -25.87
N PHE A 169 -7.90 6.34 -25.90
CA PHE A 169 -8.18 5.45 -24.76
C PHE A 169 -7.13 4.36 -24.65
N PRO A 170 -6.94 3.80 -23.42
CA PRO A 170 -6.28 2.50 -23.24
C PRO A 170 -6.91 1.41 -24.11
N ALA A 171 -6.05 0.62 -24.75
CA ALA A 171 -6.41 -0.55 -25.58
C ALA A 171 -7.13 -1.59 -24.69
N VAL A 172 -8.23 -2.17 -25.19
CA VAL A 172 -8.87 -3.34 -24.53
C VAL A 172 -8.51 -4.59 -25.34
N LEU A 173 -8.15 -5.66 -24.63
CA LEU A 173 -7.88 -6.99 -25.23
C LEU A 173 -9.23 -7.67 -25.48
N GLN A 174 -9.56 -7.92 -26.75
CA GLN A 174 -10.87 -8.52 -27.15
C GLN A 174 -10.81 -10.02 -26.82
N SER A 175 -11.97 -10.67 -26.73
CA SER A 175 -12.10 -12.15 -26.55
C SER A 175 -11.32 -12.86 -27.68
N SER A 176 -11.12 -12.17 -28.81
CA SER A 176 -10.38 -12.64 -30.02
C SER A 176 -8.85 -12.65 -29.78
N GLY A 177 -8.35 -11.97 -28.76
CA GLY A 177 -6.92 -11.94 -28.42
C GLY A 177 -6.20 -10.83 -29.13
N LEU A 178 -6.96 -10.03 -29.88
CA LEU A 178 -6.48 -8.82 -30.60
C LEU A 178 -6.96 -7.59 -29.84
N TYR A 179 -6.20 -6.50 -29.92
CA TYR A 179 -6.49 -5.21 -29.25
C TYR A 179 -7.41 -4.34 -30.13
N SER A 180 -8.20 -3.49 -29.48
CA SER A 180 -9.04 -2.45 -30.12
C SER A 180 -9.02 -1.18 -29.26
N LEU A 181 -8.89 -0.04 -29.92
CA LEU A 181 -8.56 1.26 -29.31
C LEU A 181 -9.32 2.35 -30.07
N SER A 182 -9.95 3.28 -29.36
CA SER A 182 -10.54 4.50 -29.95
C SER A 182 -9.65 5.69 -29.60
N SER A 183 -9.52 6.63 -30.54
CA SER A 183 -9.06 8.02 -30.26
C SER A 183 -10.19 8.94 -30.71
N VAL A 184 -10.53 9.92 -29.89
CA VAL A 184 -11.66 10.84 -30.15
C VAL A 184 -11.16 12.25 -29.86
N VAL A 185 -11.76 13.25 -30.49
CA VAL A 185 -11.45 14.68 -30.25
C VAL A 185 -12.76 15.47 -30.34
N THR A 186 -12.97 16.38 -29.38
CA THR A 186 -14.07 17.36 -29.38
C THR A 186 -13.54 18.63 -30.06
N VAL A 187 -14.37 19.24 -30.91
CA VAL A 187 -14.00 20.43 -31.70
C VAL A 187 -15.27 21.26 -31.92
N PRO A 188 -15.13 22.53 -32.31
CA PRO A 188 -16.29 23.35 -32.68
C PRO A 188 -17.17 22.72 -33.79
N SER A 189 -18.50 22.85 -33.67
CA SER A 189 -19.50 22.34 -34.67
C SER A 189 -19.41 23.17 -35.96
N SER A 190 -19.29 24.49 -35.83
CA SER A 190 -19.10 25.45 -36.94
C SER A 190 -17.98 24.98 -37.87
N SER A 191 -16.89 24.46 -37.26
CA SER A 191 -15.59 24.12 -37.90
C SER A 191 -15.70 22.92 -38.85
N LEU A 192 -16.63 21.98 -38.59
CA LEU A 192 -16.81 20.76 -39.43
C LEU A 192 -17.08 21.16 -40.88
N GLY A 193 -16.43 20.50 -41.84
CA GLY A 193 -16.51 20.84 -43.28
C GLY A 193 -15.50 21.90 -43.68
N THR A 194 -15.51 23.06 -43.01
CA THR A 194 -14.54 24.19 -43.18
C THR A 194 -13.10 23.69 -42.92
N LYS A 195 -12.93 22.87 -41.87
CA LYS A 195 -11.62 22.48 -41.29
C LYS A 195 -11.48 20.96 -41.41
N THR A 196 -10.27 20.48 -41.73
CA THR A 196 -9.95 19.06 -42.06
C THR A 196 -9.26 18.40 -40.87
N TYR A 197 -9.72 17.19 -40.53
CA TYR A 197 -9.33 16.42 -39.33
C TYR A 197 -8.83 15.03 -39.74
N ILE A 198 -7.55 14.75 -39.50
CA ILE A 198 -6.87 13.49 -39.90
C ILE A 198 -6.30 12.87 -38.65
N CYS A 199 -6.62 11.60 -38.36
CA CYS A 199 -5.91 10.84 -37.30
C CYS A 199 -4.72 10.13 -37.95
N ASN A 200 -3.55 10.27 -37.31
CA ASN A 200 -2.28 9.62 -37.70
C ASN A 200 -2.11 8.38 -36.80
N VAL A 201 -2.37 7.20 -37.34
CA VAL A 201 -2.35 5.90 -36.60
C VAL A 201 -1.11 5.12 -37.05
N ASN A 202 -0.22 4.82 -36.10
CA ASN A 202 1.02 4.05 -36.35
C ASN A 202 0.98 2.78 -35.49
N HIS A 203 1.26 1.63 -36.08
CA HIS A 203 1.46 0.34 -35.36
C HIS A 203 2.80 -0.26 -35.84
N LYS A 204 3.89 0.15 -35.20
CA LYS A 204 5.28 -0.15 -35.65
C LYS A 204 5.47 -1.66 -35.81
N PRO A 205 5.04 -2.54 -34.87
CA PRO A 205 5.21 -3.99 -35.03
C PRO A 205 4.83 -4.56 -36.41
N SER A 206 3.73 -4.12 -36.98
CA SER A 206 3.19 -4.62 -38.28
C SER A 206 3.63 -3.72 -39.44
N ASN A 207 4.25 -2.57 -39.16
CA ASN A 207 4.59 -1.55 -40.19
C ASN A 207 3.31 -1.12 -40.91
N THR A 208 2.25 -0.92 -40.14
CA THR A 208 0.99 -0.27 -40.58
C THR A 208 1.04 1.18 -40.16
N LYS A 209 0.94 2.09 -41.13
CA LYS A 209 0.66 3.52 -40.88
C LYS A 209 -0.57 3.89 -41.71
N VAL A 210 -1.51 4.60 -41.11
CA VAL A 210 -2.67 5.22 -41.81
C VAL A 210 -2.77 6.70 -41.42
N ASP A 211 -3.09 7.56 -42.41
CA ASP A 211 -3.51 8.98 -42.22
C ASP A 211 -4.95 9.09 -42.73
N LYS A 212 -5.92 8.74 -41.85
CA LYS A 212 -7.38 8.68 -42.14
C LYS A 212 -7.99 10.04 -41.85
N LYS A 213 -8.56 10.69 -42.87
CA LYS A 213 -9.45 11.87 -42.75
C LYS A 213 -10.81 11.40 -42.22
N VAL A 214 -11.35 12.10 -41.22
CA VAL A 214 -12.71 11.87 -40.66
C VAL A 214 -13.59 13.07 -41.01
N GLU A 215 -14.62 12.83 -41.83
CA GLU A 215 -15.59 13.86 -42.32
C GLU A 215 -17.02 13.36 -42.08
N PRO A 216 -18.04 14.24 -42.14
CA PRO A 216 -19.36 13.97 -41.57
C PRO A 216 -20.42 13.12 -42.29
N LYS A 217 -20.12 12.51 -43.44
CA LYS A 217 -20.97 11.43 -44.04
C LYS A 217 -22.23 12.00 -44.73
N SER A 218 -22.46 11.64 -46.00
CA SER A 218 -23.72 11.91 -46.77
C SER A 218 -23.98 10.79 -47.79
N ALA B 1 19.93 -7.31 -0.23
CA ALA B 1 18.94 -6.60 -1.12
C ALA B 1 18.00 -5.73 -0.27
N ILE B 2 18.14 -4.40 -0.36
CA ILE B 2 17.48 -3.42 0.57
C ILE B 2 16.02 -3.24 0.13
N GLN B 3 15.08 -3.61 1.00
CA GLN B 3 13.62 -3.65 0.69
C GLN B 3 13.04 -2.26 1.02
N MET B 4 12.43 -1.61 0.03
CA MET B 4 11.77 -0.28 0.17
C MET B 4 10.26 -0.48 0.31
N THR B 5 9.65 0.24 1.25
CA THR B 5 8.21 0.10 1.62
C THR B 5 7.54 1.47 1.57
N GLN B 6 6.96 1.79 0.42
CA GLN B 6 6.31 3.08 0.11
C GLN B 6 4.86 3.02 0.59
N SER B 7 4.31 4.14 1.05
CA SER B 7 2.92 4.22 1.53
C SER B 7 2.33 5.61 1.35
N PRO B 8 1.01 5.72 1.11
CA PRO B 8 0.17 4.55 0.80
C PRO B 8 0.32 4.07 -0.65
N SER B 9 -0.20 2.88 -0.96
CA SER B 9 -0.22 2.33 -2.35
C SER B 9 -0.85 3.39 -3.27
N SER B 10 -1.82 4.16 -2.76
CA SER B 10 -2.57 5.24 -3.47
C SER B 10 -3.23 6.19 -2.47
N LEU B 11 -3.68 7.34 -2.95
CA LEU B 11 -4.40 8.35 -2.13
C LEU B 11 -5.08 9.37 -3.04
N SER B 12 -5.89 10.23 -2.44
CA SER B 12 -6.87 11.08 -3.15
C SER B 12 -7.02 12.38 -2.36
N ALA B 13 -6.64 13.51 -2.95
CA ALA B 13 -6.55 14.80 -2.23
C ALA B 13 -6.97 15.96 -3.14
N SER B 14 -7.52 17.00 -2.54
CA SER B 14 -8.11 18.18 -3.23
C SER B 14 -6.99 19.16 -3.57
N VAL B 15 -7.26 20.08 -4.51
CA VAL B 15 -6.26 21.09 -4.95
C VAL B 15 -6.02 22.02 -3.77
N GLY B 16 -4.76 22.16 -3.36
CA GLY B 16 -4.35 23.03 -2.24
C GLY B 16 -3.97 22.25 -1.00
N ASP B 17 -4.30 20.94 -0.95
CA ASP B 17 -3.95 20.03 0.17
C ASP B 17 -2.44 19.78 0.20
N ARG B 18 -1.89 19.64 1.41
CA ARG B 18 -0.52 19.14 1.66
C ARG B 18 -0.63 17.62 1.65
N VAL B 19 0.25 16.94 0.93
CA VAL B 19 0.21 15.46 0.73
C VAL B 19 1.54 14.89 1.21
N THR B 20 1.49 13.71 1.81
CA THR B 20 2.63 13.04 2.48
C THR B 20 2.82 11.65 1.85
N ILE B 21 4.03 11.31 1.43
CA ILE B 21 4.35 9.94 0.96
C ILE B 21 5.60 9.45 1.67
N THR B 22 5.49 8.32 2.37
CA THR B 22 6.53 7.77 3.28
C THR B 22 7.25 6.63 2.57
N CYS B 23 8.51 6.43 2.91
CA CYS B 23 9.38 5.37 2.34
C CYS B 23 10.28 4.86 3.45
N HIS B 24 10.22 3.57 3.78
CA HIS B 24 11.11 2.94 4.79
C HIS B 24 12.05 1.90 4.15
N GLY B 25 13.35 2.05 4.39
CA GLY B 25 14.41 1.11 3.97
C GLY B 25 14.75 0.09 5.05
N SER B 26 15.23 -1.09 4.65
CA SER B 26 15.52 -2.24 5.55
C SER B 26 16.87 -2.02 6.26
N TYR B 27 17.75 -1.18 5.68
CA TYR B 27 19.04 -0.75 6.27
C TYR B 27 19.10 0.78 6.20
N TRP B 28 19.97 1.39 7.02
CA TRP B 28 20.24 2.85 7.03
C TRP B 28 20.78 3.26 5.65
N LEU B 29 20.19 4.28 5.02
CA LEU B 29 20.45 4.71 3.61
C LEU B 29 21.15 6.07 3.54
N SER B 30 21.16 6.85 4.63
CA SER B 30 21.93 8.10 4.75
C SER B 30 21.67 9.03 3.55
N ASN B 31 20.42 9.14 3.10
CA ASN B 31 19.94 10.06 2.02
C ASN B 31 20.36 9.58 0.62
N TYR B 32 20.91 8.37 0.46
CA TYR B 32 21.13 7.76 -0.88
C TYR B 32 19.77 7.30 -1.39
N LEU B 33 18.89 8.28 -1.67
CA LEU B 33 17.41 8.14 -1.85
C LEU B 33 16.93 9.22 -2.82
N ALA B 34 16.08 8.86 -3.78
CA ALA B 34 15.49 9.78 -4.77
C ALA B 34 13.98 9.54 -4.85
N TRP B 35 13.21 10.57 -5.22
CA TRP B 35 11.75 10.51 -5.46
C TRP B 35 11.48 10.80 -6.94
N TYR B 36 10.71 9.93 -7.62
CA TYR B 36 10.36 10.04 -9.06
C TYR B 36 8.88 10.34 -9.23
N GLN B 37 8.53 11.22 -10.17
CA GLN B 37 7.13 11.45 -10.63
C GLN B 37 7.00 10.82 -12.01
N GLN B 38 6.03 9.91 -12.19
CA GLN B 38 5.74 9.23 -13.49
C GLN B 38 4.28 9.50 -13.89
N LYS B 39 4.09 10.23 -15.00
CA LYS B 39 2.75 10.54 -15.58
C LYS B 39 2.36 9.39 -16.50
N PRO B 40 1.05 9.08 -16.68
CA PRO B 40 0.64 7.88 -17.42
C PRO B 40 1.07 7.95 -18.90
N GLY B 41 1.91 6.99 -19.33
CA GLY B 41 2.35 6.84 -20.73
C GLY B 41 3.77 7.34 -20.95
N LYS B 42 4.35 8.04 -19.98
CA LYS B 42 5.70 8.66 -20.11
C LYS B 42 6.71 8.01 -19.13
N ALA B 43 8.00 8.20 -19.38
CA ALA B 43 9.08 7.71 -18.52
C ALA B 43 9.02 8.47 -17.20
N PRO B 44 9.46 7.85 -16.08
CA PRO B 44 9.63 8.59 -14.83
C PRO B 44 10.56 9.81 -14.97
N LYS B 45 10.24 10.87 -14.25
CA LYS B 45 10.99 12.16 -14.17
C LYS B 45 11.55 12.28 -12.74
N LEU B 46 12.82 12.61 -12.57
CA LEU B 46 13.41 12.82 -11.23
C LEU B 46 12.80 14.07 -10.60
N LEU B 47 12.43 14.01 -9.33
CA LEU B 47 12.01 15.19 -8.52
C LEU B 47 13.10 15.49 -7.49
N ILE B 48 13.26 14.58 -6.54
CA ILE B 48 14.20 14.71 -5.39
C ILE B 48 15.28 13.65 -5.56
N TYR B 49 16.52 14.02 -5.23
CA TYR B 49 17.72 13.16 -5.24
C TYR B 49 18.56 13.53 -4.02
N ASP B 50 19.35 12.59 -3.50
CA ASP B 50 20.11 12.74 -2.22
C ASP B 50 19.15 13.17 -1.10
N GLY B 51 17.90 12.72 -1.15
CA GLY B 51 16.93 12.79 -0.04
C GLY B 51 16.10 14.06 -0.05
N LYS B 52 16.71 15.20 -0.34
CA LYS B 52 16.07 16.54 -0.17
C LYS B 52 16.52 17.54 -1.23
N GLU B 53 17.45 17.18 -2.12
CA GLU B 53 17.95 18.07 -3.22
C GLU B 53 16.90 18.05 -4.34
N ARG B 54 16.49 19.22 -4.79
CA ARG B 54 15.38 19.38 -5.78
C ARG B 54 16.00 19.55 -7.17
N GLU B 55 15.64 18.67 -8.12
CA GLU B 55 16.08 18.74 -9.54
C GLU B 55 15.64 20.09 -10.10
N HIS B 56 16.44 20.67 -11.00
CA HIS B 56 16.16 21.96 -11.71
C HIS B 56 14.75 21.88 -12.35
N GLY B 57 13.99 22.98 -12.29
CA GLY B 57 12.65 23.06 -12.91
C GLY B 57 11.54 22.55 -11.99
N VAL B 58 11.85 21.62 -11.09
CA VAL B 58 10.87 21.07 -10.09
C VAL B 58 10.42 22.23 -9.22
N PRO B 59 9.09 22.50 -9.11
CA PRO B 59 8.56 23.51 -8.18
C PRO B 59 8.95 23.31 -6.72
N SER B 60 8.89 24.37 -5.91
CA SER B 60 9.36 24.37 -4.50
C SER B 60 8.35 23.70 -3.55
N ARG B 61 7.16 23.32 -4.04
CA ARG B 61 6.11 22.68 -3.18
C ARG B 61 6.38 21.18 -3.00
N PHE B 62 7.12 20.53 -3.93
CA PHE B 62 7.67 19.16 -3.79
C PHE B 62 8.91 19.20 -2.90
N SER B 63 8.92 18.55 -1.74
CA SER B 63 10.11 18.52 -0.88
C SER B 63 10.36 17.11 -0.34
N GLY B 64 11.63 16.79 -0.15
CA GLY B 64 12.07 15.53 0.48
C GLY B 64 12.69 15.80 1.84
N SER B 65 12.65 14.79 2.70
CA SER B 65 13.09 14.86 4.11
C SER B 65 13.30 13.42 4.61
N GLY B 66 13.73 13.28 5.87
CA GLY B 66 14.01 11.97 6.53
C GLY B 66 15.50 11.74 6.73
N SER B 67 15.87 10.60 7.31
CA SER B 67 17.27 10.15 7.52
C SER B 67 17.28 8.64 7.66
N HIS B 68 18.40 8.04 8.04
CA HIS B 68 18.43 6.65 8.54
C HIS B 68 17.60 5.74 7.61
N GLU B 69 16.40 5.35 8.02
CA GLU B 69 15.52 4.40 7.27
C GLU B 69 14.26 5.10 6.75
N ASP B 70 13.76 6.16 7.38
CA ASP B 70 12.37 6.63 7.14
C ASP B 70 12.44 7.97 6.41
N TYR B 71 11.87 8.04 5.20
CA TYR B 71 11.91 9.24 4.31
C TYR B 71 10.51 9.60 3.82
N THR B 72 10.33 10.88 3.49
CA THR B 72 9.01 11.51 3.26
C THR B 72 9.04 12.53 2.12
N LEU B 73 8.37 12.21 1.01
CA LEU B 73 7.99 13.18 -0.06
C LEU B 73 6.78 13.98 0.44
N THR B 74 6.86 15.31 0.38
CA THR B 74 5.75 16.22 0.72
C THR B 74 5.46 17.13 -0.49
N ILE B 75 4.27 16.98 -1.06
CA ILE B 75 3.67 17.94 -2.03
C ILE B 75 2.80 18.91 -1.23
N SER B 76 3.28 20.15 -1.06
CA SER B 76 2.74 21.12 -0.08
C SER B 76 1.38 21.65 -0.55
N SER B 77 1.27 22.19 -1.76
CA SER B 77 0.01 22.78 -2.29
C SER B 77 -0.38 22.10 -3.61
N LEU B 78 -1.15 21.02 -3.50
CA LEU B 78 -1.43 20.06 -4.59
C LEU B 78 -2.08 20.77 -5.78
N GLN B 79 -1.60 20.48 -7.00
CA GLN B 79 -2.09 21.06 -8.28
C GLN B 79 -2.68 19.95 -9.17
N PRO B 80 -3.57 20.27 -10.13
CA PRO B 80 -4.19 19.24 -10.98
C PRO B 80 -3.22 18.39 -11.81
N GLU B 81 -2.03 18.92 -12.13
CA GLU B 81 -1.00 18.23 -12.96
C GLU B 81 -0.09 17.35 -12.08
N ASP B 82 -0.21 17.43 -10.75
CA ASP B 82 0.52 16.56 -9.80
C ASP B 82 -0.10 15.17 -9.80
N PHE B 83 -1.32 15.03 -10.32
CA PHE B 83 -1.87 13.71 -10.67
C PHE B 83 -0.74 12.96 -11.36
N ALA B 84 -0.21 11.92 -10.71
CA ALA B 84 0.83 11.03 -11.24
C ALA B 84 1.02 9.84 -10.29
N THR B 85 2.08 9.06 -10.48
CA THR B 85 2.47 7.93 -9.60
C THR B 85 3.92 8.15 -9.14
N TYR B 86 4.12 8.32 -7.86
CA TYR B 86 5.42 8.69 -7.24
C TYR B 86 6.05 7.41 -6.71
N TYR B 87 7.35 7.24 -6.96
CA TYR B 87 8.22 6.14 -6.48
C TYR B 87 9.40 6.74 -5.70
N CYS B 88 9.86 6.06 -4.67
CA CYS B 88 11.17 6.30 -4.05
C CYS B 88 12.13 5.24 -4.56
N GLN B 89 13.42 5.58 -4.56
CA GLN B 89 14.52 4.69 -5.03
C GLN B 89 15.72 4.86 -4.10
N GLN B 90 16.18 3.74 -3.55
CA GLN B 90 17.43 3.61 -2.79
C GLN B 90 18.57 3.44 -3.81
N TYR B 91 19.74 4.05 -3.58
CA TYR B 91 20.96 3.78 -4.39
C TYR B 91 22.22 3.75 -3.52
N ARG B 92 22.12 3.37 -2.23
CA ARG B 92 23.33 3.19 -1.36
C ARG B 92 23.96 1.84 -1.65
N TYR B 93 23.15 0.80 -1.81
CA TYR B 93 23.65 -0.59 -1.95
C TYR B 93 22.94 -1.30 -3.11
N HIS B 94 23.73 -1.87 -4.02
CA HIS B 94 23.25 -2.80 -5.07
C HIS B 94 22.50 -3.95 -4.42
N PRO B 95 21.39 -4.43 -5.04
CA PRO B 95 20.86 -3.83 -6.25
C PRO B 95 19.97 -2.61 -5.89
N TYR B 96 19.93 -1.63 -6.78
CA TYR B 96 19.02 -0.48 -6.68
C TYR B 96 17.62 -1.07 -6.51
N THR B 97 16.88 -0.55 -5.53
CA THR B 97 15.50 -0.99 -5.21
C THR B 97 14.64 0.26 -5.12
N PHE B 98 13.44 0.19 -5.71
CA PHE B 98 12.36 1.20 -5.65
C PHE B 98 11.27 0.73 -4.68
N GLY B 99 10.48 1.66 -4.19
CA GLY B 99 9.20 1.34 -3.54
C GLY B 99 8.18 0.83 -4.53
N GLN B 100 7.01 0.43 -4.01
CA GLN B 100 5.93 -0.25 -4.76
C GLN B 100 5.20 0.78 -5.63
N GLY B 101 5.25 2.05 -5.23
CA GLY B 101 4.59 3.15 -5.96
C GLY B 101 3.40 3.71 -5.20
N THR B 102 3.15 5.00 -5.38
CA THR B 102 2.03 5.76 -4.78
C THR B 102 1.29 6.49 -5.90
N LYS B 103 0.12 5.97 -6.26
CA LYS B 103 -0.80 6.50 -7.30
C LYS B 103 -1.62 7.64 -6.69
N LEU B 104 -1.34 8.86 -7.08
CA LEU B 104 -1.99 10.08 -6.52
C LEU B 104 -3.15 10.48 -7.44
N GLU B 105 -4.36 10.62 -6.86
CA GLU B 105 -5.61 11.02 -7.55
C GLU B 105 -6.08 12.36 -6.98
N ILE B 106 -6.48 13.28 -7.84
CA ILE B 106 -7.00 14.64 -7.47
C ILE B 106 -8.50 14.53 -7.22
N LYS B 107 -9.00 15.08 -6.10
CA LYS B 107 -10.45 15.31 -5.84
C LYS B 107 -10.84 16.64 -6.49
N ARG B 108 -12.11 16.78 -6.88
CA ARG B 108 -12.65 18.03 -7.48
C ARG B 108 -14.18 17.97 -7.51
N THR B 109 -14.84 19.05 -7.93
CA THR B 109 -16.32 19.19 -7.98
C THR B 109 -16.89 18.15 -8.95
N VAL B 110 -18.12 17.74 -8.71
CA VAL B 110 -18.89 16.83 -9.62
C VAL B 110 -19.00 17.53 -10.98
N ALA B 111 -18.97 16.74 -12.06
CA ALA B 111 -18.92 17.22 -13.45
C ALA B 111 -19.50 16.14 -14.35
N ALA B 112 -20.64 16.43 -14.97
CA ALA B 112 -21.43 15.47 -15.78
C ALA B 112 -20.68 15.18 -17.08
N PRO B 113 -20.82 13.97 -17.65
CA PRO B 113 -20.29 13.72 -18.99
C PRO B 113 -21.16 14.40 -20.05
N SER B 114 -20.52 14.90 -21.10
CA SER B 114 -21.17 15.10 -22.41
C SER B 114 -21.11 13.75 -23.14
N VAL B 115 -22.25 13.28 -23.64
CA VAL B 115 -22.37 11.93 -24.27
C VAL B 115 -22.50 12.10 -25.79
N PHE B 116 -21.77 11.26 -26.53
CA PHE B 116 -21.86 11.12 -28.00
C PHE B 116 -21.93 9.64 -28.33
N ILE B 117 -22.68 9.29 -29.39
CA ILE B 117 -22.85 7.90 -29.90
C ILE B 117 -22.51 7.88 -31.38
N PHE B 118 -21.80 6.85 -31.81
CA PHE B 118 -21.29 6.69 -33.21
C PHE B 118 -21.85 5.40 -33.79
N PRO B 119 -22.53 5.44 -34.97
CA PRO B 119 -22.87 4.21 -35.67
C PRO B 119 -21.57 3.60 -36.16
N PRO B 120 -21.58 2.31 -36.56
CA PRO B 120 -20.42 1.70 -37.20
C PRO B 120 -20.19 2.32 -38.57
N SER B 121 -18.93 2.49 -38.96
CA SER B 121 -18.46 2.91 -40.31
C SER B 121 -18.99 1.96 -41.38
N ASP B 122 -19.17 2.45 -42.61
CA ASP B 122 -19.53 1.62 -43.80
C ASP B 122 -18.30 0.83 -44.22
N GLU B 123 -17.09 1.40 -44.04
CA GLU B 123 -15.81 0.69 -44.32
C GLU B 123 -15.79 -0.58 -43.46
N GLN B 124 -16.20 -0.47 -42.19
CA GLN B 124 -16.19 -1.59 -41.24
C GLN B 124 -17.32 -2.56 -41.56
N LEU B 125 -18.52 -2.06 -41.88
CA LEU B 125 -19.67 -2.94 -42.20
C LEU B 125 -19.26 -3.85 -43.37
N LYS B 126 -18.59 -3.30 -44.37
CA LYS B 126 -17.98 -4.08 -45.49
C LYS B 126 -17.20 -5.27 -44.88
N SER B 127 -16.22 -5.00 -44.01
CA SER B 127 -15.34 -6.02 -43.37
C SER B 127 -16.17 -7.18 -42.78
N GLY B 128 -17.40 -6.92 -42.32
CA GLY B 128 -18.37 -7.96 -41.90
C GLY B 128 -18.75 -7.87 -40.42
N THR B 129 -18.08 -7.02 -39.65
CA THR B 129 -18.39 -6.77 -38.21
C THR B 129 -18.97 -5.37 -38.04
N ALA B 130 -19.70 -5.15 -36.95
CA ALA B 130 -20.30 -3.85 -36.56
C ALA B 130 -19.82 -3.46 -35.16
N SER B 131 -19.20 -2.28 -35.05
CA SER B 131 -18.72 -1.70 -33.76
C SER B 131 -19.37 -0.33 -33.53
N VAL B 132 -20.23 -0.28 -32.51
CA VAL B 132 -21.02 0.91 -32.06
C VAL B 132 -20.29 1.48 -30.84
N VAL B 133 -20.08 2.78 -30.81
CA VAL B 133 -19.18 3.45 -29.81
C VAL B 133 -19.95 4.56 -29.10
N CYS B 134 -19.85 4.57 -27.77
CA CYS B 134 -20.48 5.55 -26.85
C CYS B 134 -19.36 6.28 -26.12
N LEU B 135 -19.34 7.62 -26.22
CA LEU B 135 -18.29 8.47 -25.59
C LEU B 135 -18.91 9.31 -24.48
N LEU B 136 -18.39 9.13 -23.26
CA LEU B 136 -18.62 9.98 -22.06
C LEU B 136 -17.38 10.88 -21.89
N ASN B 137 -17.52 12.19 -22.15
CA ASN B 137 -16.35 13.10 -22.27
C ASN B 137 -16.22 13.98 -21.02
N ASN B 138 -15.03 13.98 -20.40
CA ASN B 138 -14.62 14.85 -19.27
C ASN B 138 -15.68 14.90 -18.16
N PHE B 139 -15.68 13.89 -17.31
CA PHE B 139 -16.58 13.80 -16.14
C PHE B 139 -15.76 13.53 -14.89
N TYR B 140 -16.42 13.71 -13.74
CA TYR B 140 -15.90 13.43 -12.37
C TYR B 140 -17.08 13.14 -11.45
N PRO B 141 -17.02 12.11 -10.57
CA PRO B 141 -15.87 11.21 -10.48
C PRO B 141 -15.91 10.05 -11.50
N ARG B 142 -15.08 9.02 -11.31
CA ARG B 142 -14.87 7.90 -12.29
C ARG B 142 -16.13 7.04 -12.44
N GLU B 143 -16.96 6.94 -11.40
CA GLU B 143 -18.06 5.93 -11.34
C GLU B 143 -19.23 6.40 -12.21
N ALA B 144 -19.38 5.78 -13.39
CA ALA B 144 -20.49 5.98 -14.35
C ALA B 144 -20.99 4.61 -14.85
N LYS B 145 -22.29 4.50 -15.11
CA LYS B 145 -22.92 3.29 -15.71
C LYS B 145 -23.33 3.60 -17.16
N VAL B 146 -22.70 2.93 -18.13
CA VAL B 146 -23.19 2.84 -19.53
C VAL B 146 -24.01 1.55 -19.64
N GLN B 147 -25.22 1.65 -20.19
CA GLN B 147 -26.16 0.52 -20.43
C GLN B 147 -26.62 0.61 -21.89
N TRP B 148 -26.34 -0.44 -22.67
CA TRP B 148 -26.69 -0.52 -24.12
C TRP B 148 -28.13 -0.98 -24.32
N LYS B 149 -28.70 -0.65 -25.49
CA LYS B 149 -30.12 -0.89 -25.83
C LYS B 149 -30.29 -0.96 -27.33
N VAL B 150 -30.81 -2.08 -27.81
CA VAL B 150 -30.98 -2.41 -29.25
C VAL B 150 -32.45 -2.76 -29.45
N ASP B 151 -33.27 -1.81 -29.92
CA ASP B 151 -34.75 -1.93 -30.06
C ASP B 151 -35.29 -2.15 -28.63
N ASN B 152 -34.84 -1.32 -27.69
CA ASN B 152 -35.25 -1.27 -26.25
C ASN B 152 -34.72 -2.51 -25.48
N ALA B 153 -34.09 -3.46 -26.17
CA ALA B 153 -33.50 -4.70 -25.58
C ALA B 153 -32.17 -4.36 -24.88
N LEU B 154 -32.12 -4.58 -23.57
CA LEU B 154 -30.91 -4.44 -22.73
C LEU B 154 -29.83 -5.42 -23.20
N GLN B 155 -28.74 -4.90 -23.75
CA GLN B 155 -27.56 -5.71 -24.13
C GLN B 155 -26.82 -6.12 -22.85
N SER B 156 -26.44 -7.40 -22.76
CA SER B 156 -25.68 -7.99 -21.62
C SER B 156 -24.49 -8.77 -22.18
N GLY B 157 -23.28 -8.26 -21.98
CA GLY B 157 -22.02 -9.03 -22.13
C GLY B 157 -21.31 -8.88 -23.48
N ASN B 158 -21.69 -7.95 -24.36
CA ASN B 158 -21.08 -7.78 -25.72
C ASN B 158 -20.39 -6.41 -25.89
N SER B 159 -20.07 -5.70 -24.80
CA SER B 159 -19.43 -4.36 -24.86
C SER B 159 -18.20 -4.34 -23.94
N GLN B 160 -17.21 -3.55 -24.31
CA GLN B 160 -15.94 -3.41 -23.58
C GLN B 160 -15.74 -1.91 -23.30
N GLU B 161 -15.21 -1.59 -22.12
CA GLU B 161 -15.10 -0.21 -21.59
C GLU B 161 -13.62 0.13 -21.50
N SER B 162 -13.28 1.41 -21.64
CA SER B 162 -11.91 1.93 -21.45
C SER B 162 -12.05 3.32 -20.84
N VAL B 163 -11.24 3.64 -19.83
CA VAL B 163 -11.31 4.93 -19.07
C VAL B 163 -9.93 5.59 -19.15
N THR B 164 -9.86 6.83 -19.64
CA THR B 164 -8.60 7.59 -19.72
C THR B 164 -8.09 7.75 -18.30
N GLU B 165 -6.79 7.93 -18.13
CA GLU B 165 -6.23 8.43 -16.85
C GLU B 165 -6.72 9.87 -16.65
N GLN B 166 -6.79 10.31 -15.38
CA GLN B 166 -7.23 11.67 -14.94
C GLN B 166 -6.46 12.75 -15.73
N ASP B 167 -7.18 13.74 -16.27
CA ASP B 167 -6.62 14.83 -17.09
C ASP B 167 -5.77 15.77 -16.24
N SER B 168 -4.61 16.19 -16.74
CA SER B 168 -3.57 16.97 -15.99
C SER B 168 -4.00 18.43 -15.76
N LYS B 169 -5.01 18.94 -16.49
CA LYS B 169 -5.53 20.32 -16.34
C LYS B 169 -6.81 20.30 -15.50
N ASP B 170 -7.87 19.61 -15.95
CA ASP B 170 -9.25 19.75 -15.40
C ASP B 170 -9.61 18.56 -14.51
N SER B 171 -8.70 17.61 -14.34
CA SER B 171 -8.80 16.47 -13.39
C SER B 171 -10.04 15.62 -13.68
N THR B 172 -10.48 15.53 -14.94
CA THR B 172 -11.68 14.74 -15.36
C THR B 172 -11.26 13.40 -15.95
N TYR B 173 -12.12 12.39 -15.83
CA TYR B 173 -12.05 11.10 -16.58
C TYR B 173 -12.85 11.24 -17.88
N SER B 174 -12.51 10.44 -18.88
CA SER B 174 -13.31 10.24 -20.13
C SER B 174 -13.41 8.73 -20.35
N LEU B 175 -14.50 8.25 -20.92
CA LEU B 175 -14.80 6.79 -21.06
C LEU B 175 -15.38 6.53 -22.46
N SER B 176 -15.00 5.40 -23.06
CA SER B 176 -15.57 4.87 -24.35
C SER B 176 -16.10 3.45 -24.12
N SER B 177 -17.34 3.20 -24.54
CA SER B 177 -17.95 1.85 -24.59
C SER B 177 -18.01 1.41 -26.03
N THR B 178 -17.82 0.12 -26.29
CA THR B 178 -17.76 -0.44 -27.66
C THR B 178 -18.67 -1.68 -27.70
N LEU B 179 -19.89 -1.55 -28.21
CA LEU B 179 -20.85 -2.66 -28.40
C LEU B 179 -20.52 -3.34 -29.72
N THR B 180 -19.87 -4.51 -29.69
CA THR B 180 -19.50 -5.31 -30.90
C THR B 180 -20.63 -6.32 -31.18
N LEU B 181 -21.07 -6.44 -32.44
CA LEU B 181 -22.00 -7.51 -32.91
C LEU B 181 -21.82 -7.74 -34.43
N SER B 182 -22.34 -8.87 -34.95
CA SER B 182 -22.24 -9.30 -36.38
C SER B 182 -22.91 -8.28 -37.29
N LYS B 183 -22.46 -8.15 -38.54
CA LYS B 183 -23.16 -7.29 -39.55
C LYS B 183 -24.60 -7.79 -39.66
N ALA B 184 -24.80 -9.11 -39.66
CA ALA B 184 -26.13 -9.77 -39.72
C ALA B 184 -27.04 -9.21 -38.62
N ASP B 185 -26.68 -9.48 -37.36
CA ASP B 185 -27.38 -9.01 -36.14
C ASP B 185 -27.60 -7.49 -36.23
N TYR B 186 -26.59 -6.73 -36.66
CA TYR B 186 -26.65 -5.24 -36.72
C TYR B 186 -27.79 -4.84 -37.63
N GLU B 187 -27.86 -5.47 -38.81
CA GLU B 187 -28.87 -5.14 -39.87
C GLU B 187 -30.24 -5.72 -39.46
N LYS B 188 -30.30 -6.53 -38.39
CA LYS B 188 -31.58 -7.05 -37.84
C LYS B 188 -32.40 -5.93 -37.18
N HIS B 189 -31.78 -5.04 -36.39
CA HIS B 189 -32.48 -4.14 -35.43
C HIS B 189 -32.42 -2.68 -35.92
N LYS B 190 -33.08 -1.73 -35.23
CA LYS B 190 -33.32 -0.35 -35.74
C LYS B 190 -32.69 0.73 -34.83
N VAL B 191 -33.09 0.76 -33.55
CA VAL B 191 -32.72 1.85 -32.57
C VAL B 191 -31.53 1.38 -31.71
N TYR B 192 -30.36 2.01 -31.88
CA TYR B 192 -29.15 1.80 -31.05
C TYR B 192 -29.04 2.96 -30.06
N ALA B 193 -29.00 2.65 -28.76
CA ALA B 193 -28.99 3.64 -27.66
C ALA B 193 -27.93 3.26 -26.62
N CYS B 194 -27.20 4.24 -26.10
CA CYS B 194 -26.46 4.11 -24.82
C CYS B 194 -27.00 5.13 -23.84
N GLU B 195 -27.43 4.63 -22.68
CA GLU B 195 -27.99 5.39 -21.54
C GLU B 195 -26.87 5.46 -20.51
N VAL B 196 -26.59 6.68 -20.00
CA VAL B 196 -25.45 7.03 -19.11
C VAL B 196 -26.04 7.52 -17.78
N THR B 197 -25.68 6.82 -16.69
CA THR B 197 -26.00 7.22 -15.29
C THR B 197 -24.72 7.78 -14.64
N HIS B 198 -24.83 8.90 -13.91
CA HIS B 198 -23.67 9.61 -13.30
C HIS B 198 -24.15 10.66 -12.31
N GLN B 199 -23.47 10.76 -11.18
CA GLN B 199 -23.76 11.69 -10.05
C GLN B 199 -24.18 13.08 -10.58
N GLY B 200 -23.49 13.59 -11.62
CA GLY B 200 -23.71 14.95 -12.15
C GLY B 200 -24.89 15.06 -13.11
N LEU B 201 -25.65 13.99 -13.31
CA LEU B 201 -26.90 13.99 -14.13
C LEU B 201 -28.09 13.69 -13.20
N SER B 202 -29.08 14.59 -13.15
CA SER B 202 -30.26 14.50 -12.25
C SER B 202 -31.11 13.29 -12.64
N SER B 203 -31.15 12.95 -13.94
CA SER B 203 -31.68 11.67 -14.46
C SER B 203 -30.85 11.22 -15.67
N PRO B 204 -30.77 9.89 -15.93
CA PRO B 204 -29.88 9.33 -16.95
C PRO B 204 -30.03 9.90 -18.37
N VAL B 205 -28.91 10.26 -19.02
CA VAL B 205 -28.86 10.82 -20.41
C VAL B 205 -28.75 9.66 -21.42
N THR B 206 -29.41 9.80 -22.58
CA THR B 206 -29.56 8.72 -23.60
C THR B 206 -29.35 9.29 -25.01
N LYS B 207 -28.40 8.75 -25.77
CA LYS B 207 -28.12 9.15 -27.17
C LYS B 207 -28.46 7.94 -28.06
N SER B 208 -29.19 8.17 -29.14
CA SER B 208 -29.71 7.09 -30.01
C SER B 208 -29.58 7.47 -31.48
N PHE B 209 -29.68 6.47 -32.35
CA PHE B 209 -29.71 6.59 -33.83
C PHE B 209 -30.50 5.41 -34.38
N ASN B 210 -31.19 5.64 -35.50
CA ASN B 210 -31.94 4.63 -36.29
C ASN B 210 -31.03 4.27 -37.46
N ARG B 211 -30.91 2.99 -37.77
CA ARG B 211 -29.85 2.50 -38.68
C ARG B 211 -29.83 3.39 -39.94
N GLY B 212 -30.94 3.52 -40.65
CA GLY B 212 -31.04 4.27 -41.91
C GLY B 212 -31.02 5.79 -41.73
N GLU B 213 -31.83 6.31 -40.79
CA GLU B 213 -32.31 7.72 -40.69
C GLU B 213 -31.19 8.71 -41.05
N HIS C 12 27.61 13.38 6.40
CA HIS C 12 27.86 12.58 7.64
C HIS C 12 26.54 12.20 8.29
N GLU C 13 26.36 10.92 8.65
CA GLU C 13 25.15 10.39 9.33
C GLU C 13 25.60 9.36 10.36
N VAL C 14 24.95 9.35 11.53
CA VAL C 14 25.33 8.52 12.70
C VAL C 14 24.15 7.59 13.04
N VAL C 15 24.40 6.27 13.11
CA VAL C 15 23.46 5.25 13.67
C VAL C 15 23.55 5.36 15.19
N LYS C 16 22.42 5.61 15.86
CA LYS C 16 22.32 5.77 17.33
C LYS C 16 22.56 4.44 18.05
N PHE C 17 23.17 4.50 19.24
CA PHE C 17 23.66 3.34 20.01
C PHE C 17 22.60 2.25 20.03
N MET C 18 21.37 2.59 20.41
CA MET C 18 20.33 1.58 20.70
C MET C 18 19.88 0.92 19.38
N ASP C 19 19.91 1.64 18.26
CA ASP C 19 19.67 1.04 16.92
C ASP C 19 20.68 -0.07 16.65
N VAL C 20 21.95 0.21 16.90
CA VAL C 20 23.10 -0.69 16.59
C VAL C 20 23.00 -1.90 17.51
N TYR C 21 22.96 -1.68 18.82
CA TYR C 21 22.83 -2.79 19.82
C TYR C 21 21.71 -3.76 19.40
N GLN C 22 20.53 -3.22 19.04
CA GLN C 22 19.31 -4.01 18.75
C GLN C 22 19.51 -4.80 17.45
N ARG C 23 20.00 -4.16 16.38
CA ARG C 23 20.11 -4.79 15.04
C ARG C 23 21.25 -5.83 15.07
N SER C 24 22.28 -5.63 15.90
CA SER C 24 23.44 -6.55 16.01
C SER C 24 23.08 -7.76 16.89
N TYR C 25 22.00 -7.66 17.67
CA TYR C 25 21.60 -8.71 18.63
C TYR C 25 21.30 -10.03 17.91
N CYS C 26 21.76 -11.13 18.51
CA CYS C 26 21.50 -12.55 18.16
C CYS C 26 20.11 -12.73 17.49
N HIS C 27 20.12 -13.06 16.21
CA HIS C 27 18.90 -13.25 15.40
C HIS C 27 19.21 -14.14 14.22
N PRO C 28 18.16 -14.74 13.61
CA PRO C 28 18.33 -15.54 12.40
C PRO C 28 18.51 -14.56 11.22
N ILE C 29 19.56 -14.76 10.44
CA ILE C 29 20.02 -13.80 9.40
C ILE C 29 20.44 -14.61 8.17
N GLU C 30 20.14 -14.08 6.98
CA GLU C 30 20.59 -14.66 5.69
C GLU C 30 22.12 -14.73 5.73
N THR C 31 22.62 -15.95 5.70
CA THR C 31 24.05 -16.33 5.85
C THR C 31 24.40 -17.15 4.62
N LEU C 32 25.51 -16.81 3.98
CA LEU C 32 26.00 -17.54 2.78
C LEU C 32 26.98 -18.62 3.26
N VAL C 33 26.70 -19.87 2.85
CA VAL C 33 27.32 -21.11 3.40
C VAL C 33 27.83 -21.94 2.23
N ASP C 34 29.14 -22.20 2.17
CA ASP C 34 29.80 -22.97 1.10
C ASP C 34 29.26 -24.41 1.17
N ILE C 35 28.79 -24.95 0.05
CA ILE C 35 28.14 -26.30 0.03
C ILE C 35 29.17 -27.37 0.40
N PHE C 36 30.45 -27.20 0.04
CA PHE C 36 31.51 -28.16 0.43
C PHE C 36 31.67 -28.14 1.96
N GLN C 37 31.96 -26.98 2.55
CA GLN C 37 32.20 -26.85 4.01
C GLN C 37 31.05 -27.52 4.79
N GLU C 38 29.80 -27.48 4.30
CA GLU C 38 28.68 -28.19 4.96
C GLU C 38 28.83 -29.71 4.82
N TYR C 39 29.09 -30.19 3.60
CA TYR C 39 29.02 -31.63 3.24
C TYR C 39 30.35 -32.08 2.64
N PRO C 40 31.41 -32.31 3.47
CA PRO C 40 32.70 -32.75 2.95
C PRO C 40 32.64 -34.18 2.36
N ASP C 41 31.68 -34.99 2.83
CA ASP C 41 31.52 -36.43 2.48
C ASP C 41 31.26 -36.56 0.97
N GLU C 42 30.96 -35.45 0.29
CA GLU C 42 30.77 -35.36 -1.18
C GLU C 42 31.99 -34.63 -1.77
N ILE C 43 33.02 -35.41 -2.07
CA ILE C 43 34.36 -34.96 -2.58
C ILE C 43 34.49 -35.31 -4.07
N GLU C 44 33.40 -35.80 -4.68
CA GLU C 44 33.31 -36.32 -6.07
C GLU C 44 32.61 -35.30 -6.98
N TYR C 45 32.21 -34.15 -6.46
CA TYR C 45 31.30 -33.18 -7.12
C TYR C 45 31.84 -31.75 -6.96
N ILE C 46 31.68 -30.95 -8.02
CA ILE C 46 31.76 -29.45 -7.96
C ILE C 46 30.32 -28.94 -7.98
N PHE C 47 29.99 -27.89 -7.21
CA PHE C 47 28.60 -27.39 -7.01
C PHE C 47 28.40 -26.00 -7.64
N LYS C 48 27.33 -25.85 -8.43
CA LYS C 48 26.83 -24.56 -8.97
C LYS C 48 25.39 -24.36 -8.50
N PRO C 49 25.08 -23.36 -7.64
CA PRO C 49 26.07 -22.42 -7.11
C PRO C 49 27.00 -23.08 -6.08
N SER C 50 28.20 -22.50 -5.91
CA SER C 50 29.27 -22.94 -4.99
C SER C 50 28.80 -22.80 -3.52
N CYS C 51 27.79 -21.98 -3.28
CA CYS C 51 27.32 -21.59 -1.92
C CYS C 51 25.81 -21.31 -1.94
N VAL C 52 25.19 -21.28 -0.76
CA VAL C 52 23.73 -21.08 -0.61
C VAL C 52 23.45 -20.06 0.47
N PRO C 53 22.33 -19.29 0.32
CA PRO C 53 21.87 -18.37 1.35
C PRO C 53 20.91 -19.08 2.33
N LEU C 54 21.34 -19.24 3.58
CA LEU C 54 20.61 -20.02 4.63
C LEU C 54 20.31 -19.12 5.82
N MET C 55 19.12 -19.23 6.38
CA MET C 55 18.77 -18.45 7.59
C MET C 55 19.44 -19.12 8.79
N ARG C 56 20.51 -18.53 9.31
CA ARG C 56 21.30 -19.06 10.47
C ARG C 56 21.45 -17.97 11.53
N CYS C 57 21.55 -18.38 12.80
CA CYS C 57 21.80 -17.49 13.97
C CYS C 57 23.04 -16.66 13.70
N GLY C 58 23.10 -15.46 14.26
CA GLY C 58 24.33 -14.64 14.21
C GLY C 58 24.14 -13.34 14.94
N GLY C 59 25.19 -12.82 15.58
CA GLY C 59 25.16 -11.49 16.21
C GLY C 59 25.72 -11.52 17.61
N CYS C 60 25.72 -10.34 18.26
N CYS C 60 25.76 -10.35 18.27
CA CYS C 60 26.27 -10.01 19.62
CA CYS C 60 26.38 -10.14 19.61
C CYS C 60 25.34 -10.57 20.69
C CYS C 60 25.37 -10.58 20.68
N CYS C 61 25.77 -10.58 21.95
CA CYS C 61 24.99 -11.20 23.06
C CYS C 61 24.98 -10.43 24.39
N ASN C 62 25.54 -9.22 24.46
CA ASN C 62 25.46 -8.35 25.67
C ASN C 62 26.71 -8.53 26.55
N ASP C 63 27.16 -9.77 26.78
CA ASP C 63 28.43 -10.10 27.50
C ASP C 63 29.01 -11.40 26.94
N GLU C 64 30.34 -11.59 27.00
CA GLU C 64 31.10 -12.72 26.39
C GLU C 64 30.69 -14.08 27.01
N GLY C 65 30.17 -14.08 28.25
CA GLY C 65 29.65 -15.29 28.93
C GLY C 65 28.67 -16.07 28.07
N LEU C 66 27.73 -15.38 27.39
CA LEU C 66 26.66 -15.98 26.55
C LEU C 66 27.18 -16.19 25.12
N GLU C 67 26.62 -17.18 24.42
CA GLU C 67 26.87 -17.47 22.96
C GLU C 67 25.52 -17.54 22.23
N CYS C 68 25.48 -17.04 21.01
CA CYS C 68 24.26 -16.94 20.17
C CYS C 68 23.99 -18.30 19.50
N VAL C 69 22.98 -19.03 19.97
CA VAL C 69 22.72 -20.46 19.59
C VAL C 69 21.29 -20.63 19.09
N PRO C 70 21.02 -21.58 18.17
CA PRO C 70 19.65 -21.92 17.74
C PRO C 70 18.80 -22.74 18.73
N THR C 71 17.56 -22.31 18.96
CA THR C 71 16.56 -23.01 19.81
C THR C 71 15.66 -23.90 18.95
N GLU C 72 15.31 -23.48 17.74
CA GLU C 72 14.49 -24.25 16.79
C GLU C 72 15.27 -24.38 15.49
N GLU C 73 15.45 -25.60 14.99
CA GLU C 73 16.24 -25.94 13.77
C GLU C 73 15.28 -26.61 12.79
N SER C 74 15.69 -26.70 11.51
CA SER C 74 14.94 -27.40 10.44
C SER C 74 15.77 -27.41 9.16
N ASN C 75 15.30 -28.13 8.14
CA ASN C 75 15.98 -28.28 6.81
C ASN C 75 15.23 -27.42 5.78
N ILE C 76 15.95 -26.85 4.82
CA ILE C 76 15.39 -26.21 3.59
C ILE C 76 15.94 -27.00 2.40
N THR C 77 15.18 -27.13 1.33
CA THR C 77 15.53 -27.96 0.16
C THR C 77 15.74 -27.06 -1.07
N MET C 78 16.87 -27.20 -1.76
CA MET C 78 17.29 -26.33 -2.90
C MET C 78 17.74 -27.20 -4.07
N GLN C 79 17.27 -26.88 -5.28
CA GLN C 79 17.86 -27.43 -6.53
C GLN C 79 19.29 -26.91 -6.65
N ILE C 80 20.26 -27.80 -6.51
CA ILE C 80 21.70 -27.48 -6.71
C ILE C 80 22.21 -28.30 -7.90
N MET C 81 23.03 -27.67 -8.73
CA MET C 81 23.72 -28.36 -9.85
C MET C 81 24.97 -29.06 -9.29
N ARG C 82 24.96 -30.39 -9.40
CA ARG C 82 26.10 -31.31 -9.13
C ARG C 82 26.82 -31.57 -10.46
N ILE C 83 28.12 -31.27 -10.53
CA ILE C 83 28.98 -31.52 -11.74
C ILE C 83 30.00 -32.62 -11.39
N GLN C 89 27.14 -33.56 -14.95
CA GLN C 89 26.33 -32.37 -14.58
C GLN C 89 24.82 -32.68 -14.58
N HIS C 90 24.15 -32.56 -13.43
CA HIS C 90 22.69 -32.75 -13.24
C HIS C 90 22.20 -31.82 -12.13
N ILE C 91 20.95 -31.33 -12.21
CA ILE C 91 20.28 -30.57 -11.11
C ILE C 91 19.56 -31.59 -10.21
N GLY C 92 19.99 -31.71 -8.95
CA GLY C 92 19.32 -32.55 -7.94
C GLY C 92 19.12 -31.74 -6.66
N GLU C 93 18.08 -32.08 -5.90
CA GLU C 93 17.72 -31.42 -4.61
C GLU C 93 18.73 -31.80 -3.53
N MET C 94 19.03 -30.87 -2.64
CA MET C 94 19.87 -31.08 -1.42
C MET C 94 19.16 -30.36 -0.27
N SER C 95 19.08 -31.01 0.90
CA SER C 95 18.64 -30.38 2.18
C SER C 95 19.85 -29.67 2.79
N PHE C 96 19.60 -28.54 3.47
CA PHE C 96 20.60 -27.82 4.30
C PHE C 96 19.97 -27.44 5.64
N LEU C 97 20.73 -27.56 6.71
CA LEU C 97 20.26 -27.09 8.04
C LEU C 97 19.96 -25.58 7.95
N GLN C 98 18.86 -25.12 8.57
CA GLN C 98 18.59 -23.68 8.79
C GLN C 98 18.10 -23.50 10.23
N HIS C 99 18.14 -22.26 10.74
CA HIS C 99 17.80 -21.89 12.15
C HIS C 99 16.59 -20.95 12.16
N ASN C 100 15.43 -21.44 12.61
CA ASN C 100 14.16 -20.67 12.62
C ASN C 100 14.16 -19.68 13.79
N LYS C 101 14.76 -20.01 14.94
CA LYS C 101 14.73 -19.21 16.20
C LYS C 101 16.07 -19.31 16.93
N CYS C 102 16.47 -18.27 17.65
CA CYS C 102 17.80 -18.14 18.29
C CYS C 102 17.71 -17.52 19.68
N GLU C 103 18.78 -17.66 20.46
CA GLU C 103 18.84 -17.21 21.87
C GLU C 103 20.29 -16.90 22.27
N CYS C 104 20.45 -16.07 23.29
CA CYS C 104 21.72 -15.87 24.02
C CYS C 104 21.72 -16.76 25.27
N ARG C 105 22.40 -17.91 25.19
CA ARG C 105 22.52 -18.90 26.30
C ARG C 105 23.93 -18.87 26.88
N PRO C 106 24.08 -19.09 28.22
CA PRO C 106 25.40 -19.20 28.83
C PRO C 106 26.19 -20.39 28.25
N LYS C 107 27.48 -20.18 27.93
CA LYS C 107 28.43 -21.23 27.48
C LYS C 107 28.60 -22.29 28.57
N HIS D 12 6.58 -29.74 2.09
CA HIS D 12 7.86 -29.77 1.32
C HIS D 12 7.81 -28.72 0.19
N GLU D 13 8.88 -27.93 0.10
CA GLU D 13 9.04 -26.79 -0.86
C GLU D 13 10.44 -26.88 -1.47
N VAL D 14 10.52 -26.76 -2.79
CA VAL D 14 11.81 -26.82 -3.54
C VAL D 14 12.05 -25.45 -4.16
N VAL D 15 13.18 -24.84 -3.77
CA VAL D 15 13.72 -23.59 -4.38
C VAL D 15 14.37 -24.04 -5.68
N LYS D 16 13.93 -23.44 -6.80
CA LYS D 16 14.36 -23.85 -8.16
C LYS D 16 15.82 -23.42 -8.40
N PHE D 17 16.57 -24.18 -9.21
CA PHE D 17 18.01 -23.96 -9.45
C PHE D 17 18.29 -22.46 -9.63
N MET D 18 17.57 -21.81 -10.54
CA MET D 18 17.92 -20.45 -11.00
C MET D 18 17.62 -19.45 -9.88
N ASP D 19 16.63 -19.69 -9.04
CA ASP D 19 16.38 -18.87 -7.82
C ASP D 19 17.63 -18.88 -6.92
N VAL D 20 18.17 -20.07 -6.67
CA VAL D 20 19.30 -20.30 -5.72
C VAL D 20 20.53 -19.64 -6.32
N TYR D 21 20.89 -20.01 -7.55
CA TYR D 21 22.08 -19.46 -8.25
C TYR D 21 22.07 -17.93 -8.15
N GLN D 22 20.93 -17.30 -8.45
CA GLN D 22 20.76 -15.83 -8.51
C GLN D 22 20.93 -15.22 -7.11
N ARG D 23 20.24 -15.74 -6.09
CA ARG D 23 20.29 -15.08 -4.76
C ARG D 23 21.63 -15.38 -4.05
N SER D 24 22.34 -16.45 -4.41
CA SER D 24 23.68 -16.76 -3.82
C SER D 24 24.78 -16.00 -4.55
N TYR D 25 24.47 -15.41 -5.71
CA TYR D 25 25.47 -14.67 -6.54
C TYR D 25 26.02 -13.48 -5.77
N CYS D 26 27.34 -13.26 -5.92
CA CYS D 26 28.13 -12.11 -5.40
C CYS D 26 27.31 -10.81 -5.33
N HIS D 27 27.03 -10.36 -4.11
CA HIS D 27 26.22 -9.14 -3.88
C HIS D 27 26.54 -8.56 -2.51
N PRO D 28 26.20 -7.27 -2.27
CA PRO D 28 26.36 -6.66 -0.96
C PRO D 28 25.22 -7.16 -0.06
N ILE D 29 25.58 -7.68 1.13
CA ILE D 29 24.65 -8.43 2.04
C ILE D 29 24.96 -7.99 3.47
N GLU D 30 23.92 -7.86 4.31
CA GLU D 30 24.06 -7.52 5.76
C GLU D 30 24.88 -8.65 6.40
N THR D 31 26.07 -8.28 6.85
CA THR D 31 27.12 -9.18 7.38
C THR D 31 27.50 -8.68 8.79
N LEU D 32 27.55 -9.60 9.75
CA LEU D 32 27.92 -9.29 11.15
C LEU D 32 29.42 -9.46 11.32
N VAL D 33 30.07 -8.42 11.83
CA VAL D 33 31.55 -8.23 11.85
C VAL D 33 31.97 -7.83 13.26
N ASP D 34 32.79 -8.65 13.92
CA ASP D 34 33.28 -8.45 15.30
C ASP D 34 34.14 -7.18 15.31
N ILE D 35 33.85 -6.23 16.19
CA ILE D 35 34.53 -4.90 16.22
C ILE D 35 36.01 -5.14 16.57
N PHE D 36 36.33 -6.13 17.40
CA PHE D 36 37.73 -6.44 17.76
C PHE D 36 38.46 -6.94 16.51
N GLN D 37 37.98 -8.00 15.86
CA GLN D 37 38.64 -8.59 14.65
C GLN D 37 38.95 -7.47 13.65
N GLU D 38 38.07 -6.47 13.52
CA GLU D 38 38.27 -5.29 12.64
C GLU D 38 39.44 -4.44 13.14
N TYR D 39 39.50 -4.12 14.45
CA TYR D 39 40.48 -3.17 15.05
C TYR D 39 41.28 -3.87 16.14
N PRO D 40 42.20 -4.80 15.82
CA PRO D 40 42.88 -5.61 16.83
C PRO D 40 43.83 -4.79 17.72
N ASP D 41 44.33 -3.65 17.23
CA ASP D 41 45.20 -2.69 17.96
C ASP D 41 44.51 -2.16 19.23
N GLU D 42 43.49 -2.82 19.80
CA GLU D 42 42.60 -2.23 20.85
C GLU D 42 42.92 -2.81 22.24
N ILE D 43 43.64 -2.03 23.06
CA ILE D 43 44.25 -2.42 24.38
C ILE D 43 43.48 -1.75 25.53
N GLU D 44 42.42 -0.98 25.21
CA GLU D 44 41.64 -0.21 26.19
C GLU D 44 40.26 -0.82 26.38
N TYR D 45 39.43 -0.87 25.33
CA TYR D 45 37.95 -0.96 25.45
C TYR D 45 37.41 -2.32 24.99
N ILE D 46 36.50 -2.86 25.79
CA ILE D 46 35.51 -3.91 25.41
C ILE D 46 34.33 -3.16 24.77
N PHE D 47 33.67 -3.73 23.75
CA PHE D 47 32.67 -3.03 22.89
C PHE D 47 31.27 -3.61 23.10
N LYS D 48 30.28 -2.75 23.34
CA LYS D 48 28.83 -3.12 23.34
C LYS D 48 28.12 -2.24 22.31
N PRO D 49 27.57 -2.80 21.21
CA PRO D 49 27.61 -4.24 20.94
C PRO D 49 29.00 -4.73 20.55
N SER D 50 29.28 -6.03 20.78
CA SER D 50 30.56 -6.72 20.49
C SER D 50 30.81 -6.76 18.98
N CYS D 51 29.77 -6.58 18.17
CA CYS D 51 29.80 -6.75 16.69
C CYS D 51 28.78 -5.82 16.02
N VAL D 52 28.91 -5.63 14.71
CA VAL D 52 28.08 -4.66 13.93
C VAL D 52 27.60 -5.32 12.65
N PRO D 53 26.39 -4.93 12.17
CA PRO D 53 25.87 -5.37 10.88
C PRO D 53 26.30 -4.40 9.77
N LEU D 54 27.17 -4.87 8.86
CA LEU D 54 27.80 -4.07 7.77
C LEU D 54 27.40 -4.66 6.43
N MET D 55 27.05 -3.82 5.47
CA MET D 55 26.79 -4.26 4.08
C MET D 55 28.13 -4.57 3.44
N ARG D 56 28.47 -5.86 3.31
CA ARG D 56 29.73 -6.34 2.71
C ARG D 56 29.42 -7.33 1.59
N CYS D 57 30.28 -7.40 0.59
CA CYS D 57 30.27 -8.41 -0.50
C CYS D 57 30.17 -9.80 0.09
N GLY D 58 29.53 -10.71 -0.63
CA GLY D 58 29.49 -12.12 -0.24
C GLY D 58 28.75 -12.93 -1.29
N GLY D 59 29.19 -14.17 -1.55
CA GLY D 59 28.43 -15.10 -2.40
C GLY D 59 29.32 -15.78 -3.42
N CYS D 60 28.73 -16.68 -4.20
N CYS D 60 28.76 -16.72 -4.17
CA CYS D 60 29.42 -17.56 -5.17
CA CYS D 60 29.51 -17.58 -5.15
C CYS D 60 29.64 -16.78 -6.48
C CYS D 60 29.66 -16.79 -6.45
N CYS D 61 30.37 -17.35 -7.45
CA CYS D 61 30.87 -16.57 -8.62
C CYS D 61 30.85 -17.33 -9.96
N ASN D 62 30.23 -18.51 -10.06
CA ASN D 62 30.09 -19.24 -11.36
C ASN D 62 31.25 -20.24 -11.55
N ASP D 63 32.51 -19.83 -11.35
CA ASP D 63 33.72 -20.68 -11.49
C ASP D 63 34.81 -20.18 -10.51
N GLU D 64 35.69 -21.07 -10.05
CA GLU D 64 36.69 -20.80 -8.96
C GLU D 64 37.72 -19.75 -9.39
N GLY D 65 37.92 -19.57 -10.70
CA GLY D 65 38.81 -18.53 -11.28
C GLY D 65 38.54 -17.15 -10.72
N LEU D 66 37.26 -16.76 -10.60
CA LEU D 66 36.81 -15.43 -10.13
C LEU D 66 36.70 -15.43 -8.61
N GLU D 67 36.82 -14.26 -7.97
CA GLU D 67 36.49 -14.02 -6.54
C GLU D 67 35.55 -12.82 -6.43
N CYS D 68 34.65 -12.85 -5.46
CA CYS D 68 33.63 -11.81 -5.20
C CYS D 68 34.28 -10.61 -4.46
N VAL D 69 34.47 -9.49 -5.14
CA VAL D 69 35.28 -8.33 -4.63
C VAL D 69 34.46 -7.05 -4.73
N PRO D 70 34.68 -6.06 -3.81
CA PRO D 70 34.02 -4.76 -3.88
C PRO D 70 34.56 -3.79 -4.92
N THR D 71 33.68 -3.17 -5.72
CA THR D 71 34.03 -2.15 -6.75
C THR D 71 33.91 -0.74 -6.14
N GLU D 72 32.92 -0.51 -5.29
CA GLU D 72 32.70 0.81 -4.64
C GLU D 72 32.65 0.60 -3.12
N GLU D 73 33.43 1.36 -2.36
CA GLU D 73 33.59 1.24 -0.89
C GLU D 73 33.18 2.56 -0.25
N SER D 74 32.98 2.56 1.07
CA SER D 74 32.66 3.76 1.89
C SER D 74 32.59 3.37 3.36
N ASN D 75 32.45 4.37 4.23
CA ASN D 75 32.35 4.21 5.70
C ASN D 75 30.90 4.42 6.13
N ILE D 76 30.49 3.69 7.16
CA ILE D 76 29.26 3.95 7.94
C ILE D 76 29.71 4.29 9.36
N THR D 77 29.01 5.17 10.04
CA THR D 77 29.39 5.67 11.39
C THR D 77 28.30 5.23 12.39
N MET D 78 28.69 4.60 13.50
CA MET D 78 27.75 4.00 14.49
C MET D 78 28.13 4.41 15.91
N GLN D 79 27.16 4.81 16.72
CA GLN D 79 27.36 5.00 18.18
C GLN D 79 27.65 3.62 18.79
N ILE D 80 28.88 3.41 19.25
CA ILE D 80 29.29 2.18 19.96
C ILE D 80 29.65 2.55 21.40
N MET D 81 29.23 1.71 22.35
CA MET D 81 29.64 1.81 23.78
C MET D 81 31.05 1.22 23.93
N ARG D 82 32.00 2.08 24.32
CA ARG D 82 33.38 1.76 24.74
C ARG D 82 33.40 1.60 26.27
N ILE D 83 33.77 0.41 26.76
CA ILE D 83 33.71 0.04 28.21
C ILE D 83 35.14 -0.21 28.67
N LYS D 84 35.65 0.59 29.61
CA LYS D 84 36.85 0.27 30.42
C LYS D 84 36.38 -0.72 31.49
N PRO D 85 36.73 -2.03 31.43
CA PRO D 85 35.94 -3.06 32.11
C PRO D 85 35.71 -2.83 33.61
N HIS D 86 36.68 -2.21 34.30
CA HIS D 86 36.65 -1.88 35.74
C HIS D 86 36.42 -0.37 35.94
N GLN D 87 36.97 0.49 35.04
CA GLN D 87 37.07 1.97 35.18
C GLN D 87 35.89 2.69 34.45
N GLY D 88 36.14 3.59 33.48
CA GLY D 88 35.13 4.39 32.75
C GLY D 88 34.32 3.60 31.71
N GLN D 89 33.51 4.31 30.91
CA GLN D 89 32.53 3.71 29.95
C GLN D 89 31.65 4.80 29.32
N HIS D 90 31.67 4.95 28.00
CA HIS D 90 30.94 6.02 27.27
C HIS D 90 30.52 5.57 25.87
N ILE D 91 29.58 6.30 25.28
CA ILE D 91 29.17 6.19 23.85
C ILE D 91 30.10 7.11 23.04
N GLY D 92 30.85 6.53 22.11
CA GLY D 92 31.56 7.29 21.07
C GLY D 92 31.30 6.70 19.70
N GLU D 93 31.36 7.53 18.65
CA GLU D 93 31.20 7.11 17.23
C GLU D 93 32.42 6.31 16.77
N MET D 94 32.22 5.33 15.90
CA MET D 94 33.29 4.57 15.21
C MET D 94 32.87 4.40 13.75
N SER D 95 33.79 4.62 12.82
CA SER D 95 33.57 4.37 11.36
C SER D 95 33.90 2.89 11.10
N PHE D 96 33.20 2.26 10.15
CA PHE D 96 33.50 0.89 9.64
C PHE D 96 33.41 0.90 8.12
N LEU D 97 34.34 0.23 7.47
CA LEU D 97 34.27 -0.02 6.02
C LEU D 97 32.94 -0.76 5.70
N GLN D 98 32.27 -0.34 4.62
CA GLN D 98 31.15 -1.10 4.03
C GLN D 98 31.35 -1.10 2.51
N HIS D 99 30.67 -2.01 1.81
CA HIS D 99 30.79 -2.25 0.35
C HIS D 99 29.45 -1.93 -0.33
N ASN D 100 29.38 -0.83 -1.09
CA ASN D 100 28.14 -0.35 -1.75
C ASN D 100 27.85 -1.20 -2.99
N LYS D 101 28.88 -1.69 -3.69
CA LYS D 101 28.77 -2.42 -4.99
C LYS D 101 29.83 -3.53 -5.05
N CYS D 102 29.53 -4.64 -5.73
CA CYS D 102 30.41 -5.84 -5.80
C CYS D 102 30.42 -6.44 -7.20
N GLU D 103 31.41 -7.31 -7.47
CA GLU D 103 31.65 -7.90 -8.80
C GLU D 103 32.35 -9.26 -8.67
N CYS D 104 32.21 -10.10 -9.70
CA CYS D 104 33.00 -11.33 -9.89
C CYS D 104 34.19 -11.02 -10.81
N ARG D 105 35.38 -10.78 -10.23
CA ARG D 105 36.63 -10.42 -10.96
C ARG D 105 37.60 -11.59 -10.90
N PRO D 106 38.40 -11.78 -11.98
CA PRO D 106 39.43 -12.83 -12.01
C PRO D 106 40.50 -12.57 -10.93
N LYS D 107 40.89 -13.62 -10.19
CA LYS D 107 41.99 -13.58 -9.19
C LYS D 107 43.33 -13.31 -9.90
N GLN E 3 -9.63 -18.51 26.21
CA GLN E 3 -9.57 -17.02 26.11
C GLN E 3 -8.49 -16.44 27.04
N LEU E 4 -8.26 -15.11 26.93
CA LEU E 4 -7.11 -14.36 27.48
C LEU E 4 -7.55 -12.94 27.89
N VAL E 5 -7.09 -12.44 29.03
CA VAL E 5 -7.57 -11.14 29.60
C VAL E 5 -6.37 -10.30 30.06
N GLU E 6 -6.11 -9.18 29.37
CA GLU E 6 -4.98 -8.29 29.69
C GLU E 6 -5.40 -7.30 30.78
N SER E 7 -4.57 -7.17 31.83
CA SER E 7 -4.60 -6.07 32.83
C SER E 7 -3.28 -5.32 32.70
N GLY E 8 -3.13 -4.20 33.43
CA GLY E 8 -1.86 -3.46 33.55
C GLY E 8 -1.87 -2.20 32.70
N GLY E 9 -2.74 -2.15 31.71
CA GLY E 9 -2.76 -1.04 30.73
C GLY E 9 -3.28 0.25 31.33
N GLY E 10 -2.91 1.38 30.74
CA GLY E 10 -3.39 2.72 31.14
C GLY E 10 -2.37 3.81 30.84
N LEU E 11 -2.14 4.69 31.81
CA LEU E 11 -1.33 5.91 31.65
C LEU E 11 0.06 5.68 32.23
N VAL E 12 1.09 6.25 31.61
CA VAL E 12 2.53 6.14 31.98
C VAL E 12 3.28 7.38 31.49
N LYS E 13 4.15 7.94 32.33
CA LYS E 13 5.00 9.12 31.99
C LYS E 13 6.09 8.63 31.04
N PRO E 14 6.57 9.49 30.09
CA PRO E 14 7.75 9.15 29.30
C PRO E 14 8.95 8.76 30.18
N GLY E 15 9.75 7.81 29.73
CA GLY E 15 10.84 7.18 30.50
C GLY E 15 10.32 6.11 31.44
N GLY E 16 9.08 6.25 31.91
CA GLY E 16 8.50 5.38 32.96
C GLY E 16 8.44 3.93 32.53
N SER E 17 8.11 3.07 33.48
CA SER E 17 7.95 1.61 33.29
C SER E 17 6.47 1.27 33.41
N LEU E 18 6.09 0.08 32.93
CA LEU E 18 4.74 -0.52 33.10
C LEU E 18 4.84 -2.05 32.94
N ARG E 19 4.10 -2.78 33.78
CA ARG E 19 3.92 -4.24 33.64
C ARG E 19 2.48 -4.50 33.15
N LEU E 20 2.42 -5.25 32.06
CA LEU E 20 1.19 -5.88 31.60
C LEU E 20 1.20 -7.31 32.10
N SER E 21 0.08 -7.72 32.70
CA SER E 21 -0.28 -9.12 33.03
C SER E 21 -1.40 -9.56 32.06
N CYS E 22 -1.37 -10.81 31.63
CA CYS E 22 -2.49 -11.41 30.87
C CYS E 22 -2.83 -12.78 31.46
N ALA E 23 -4.08 -12.92 31.92
CA ALA E 23 -4.64 -14.12 32.58
C ALA E 23 -5.37 -15.01 31.56
N ALA E 24 -4.93 -16.26 31.46
CA ALA E 24 -5.51 -17.33 30.62
C ALA E 24 -6.35 -18.27 31.49
N ASP E 25 -7.45 -18.77 30.96
CA ASP E 25 -8.53 -19.41 31.77
C ASP E 25 -8.17 -20.85 32.16
N GLY E 26 -7.34 -21.57 31.38
CA GLY E 26 -7.17 -23.03 31.52
C GLY E 26 -5.71 -23.50 31.49
N TRP E 27 -5.43 -24.60 32.19
CA TRP E 27 -4.21 -25.46 32.19
C TRP E 27 -3.42 -25.38 30.86
N TRP E 28 -4.11 -25.24 29.71
CA TRP E 28 -3.50 -25.33 28.34
C TRP E 28 -2.37 -24.31 28.19
N PHE E 29 -2.51 -23.15 28.84
CA PHE E 29 -1.52 -22.05 28.96
C PHE E 29 -0.14 -22.62 29.34
N GLY E 30 -0.13 -23.66 30.18
CA GLY E 30 1.11 -24.28 30.68
C GLY E 30 1.87 -25.01 29.59
N TYR E 31 1.22 -25.29 28.45
CA TYR E 31 1.72 -26.25 27.44
C TYR E 31 1.96 -25.59 26.06
N THR E 32 1.80 -24.27 25.95
CA THR E 32 1.96 -23.54 24.66
C THR E 32 2.98 -22.43 24.83
N ASP E 33 3.59 -22.03 23.72
CA ASP E 33 4.33 -20.74 23.66
C ASP E 33 3.28 -19.63 23.81
N MET E 34 3.71 -18.44 24.24
CA MET E 34 2.84 -17.24 24.43
C MET E 34 3.55 -16.01 23.87
N SER E 35 2.86 -15.29 22.98
CA SER E 35 3.34 -14.03 22.36
C SER E 35 2.61 -12.83 22.97
N TRP E 36 3.25 -11.67 22.83
CA TRP E 36 2.59 -10.34 22.86
C TRP E 36 2.66 -9.75 21.46
N VAL E 37 1.55 -9.25 20.95
CA VAL E 37 1.52 -8.40 19.72
C VAL E 37 0.98 -7.03 20.13
N ARG E 38 1.56 -5.94 19.66
CA ARG E 38 1.04 -4.58 19.92
C ARG E 38 0.60 -3.91 18.61
N GLN E 39 -0.11 -2.79 18.73
CA GLN E 39 -0.66 -2.05 17.57
C GLN E 39 -0.90 -0.60 17.99
N ALA E 40 -0.15 0.33 17.37
CA ALA E 40 -0.23 1.79 17.60
C ALA E 40 -1.55 2.33 17.04
N PRO E 41 -2.14 3.41 17.60
CA PRO E 41 -3.46 3.86 17.15
C PRO E 41 -3.45 4.15 15.65
N GLY E 42 -4.28 3.44 14.87
CA GLY E 42 -4.48 3.66 13.42
C GLY E 42 -3.47 2.93 12.55
N LYS E 43 -2.24 2.74 13.03
CA LYS E 43 -1.15 1.92 12.40
C LYS E 43 -1.52 0.43 12.52
N GLY E 44 -0.62 -0.46 12.11
CA GLY E 44 -0.90 -1.90 11.99
C GLY E 44 -0.29 -2.74 13.09
N LEU E 45 -0.36 -4.05 12.93
CA LEU E 45 0.10 -5.08 13.90
C LEU E 45 1.63 -5.19 13.87
N GLU E 46 2.20 -5.64 14.97
CA GLU E 46 3.67 -5.73 15.23
C GLU E 46 3.90 -6.70 16.38
N TRP E 47 4.50 -7.87 16.12
CA TRP E 47 4.92 -8.82 17.19
C TRP E 47 5.85 -8.07 18.16
N VAL E 48 5.59 -8.20 19.47
CA VAL E 48 6.50 -7.68 20.53
C VAL E 48 7.55 -8.75 20.81
N GLY E 49 7.11 -9.87 21.35
CA GLY E 49 7.99 -10.94 21.84
C GLY E 49 7.20 -12.16 22.27
N SER E 50 7.91 -13.26 22.52
CA SER E 50 7.32 -14.55 22.97
C SER E 50 8.15 -15.17 24.10
N ILE E 51 7.57 -16.20 24.72
CA ILE E 51 8.25 -17.08 25.71
C ILE E 51 7.88 -18.52 25.38
N SER E 52 8.84 -19.44 25.53
CA SER E 52 8.79 -20.88 25.21
C SER E 52 7.93 -21.61 26.26
N TYR E 53 7.74 -22.93 26.07
CA TYR E 53 6.66 -23.74 26.72
C TYR E 53 6.99 -23.93 28.22
N LYS E 54 8.20 -24.38 28.54
CA LYS E 54 8.64 -24.58 29.96
C LYS E 54 9.11 -23.25 30.54
N GLY E 55 9.59 -22.34 29.67
CA GLY E 55 10.15 -21.04 30.05
C GLY E 55 11.61 -20.90 29.66
N GLY E 56 12.20 -21.94 29.07
CA GLY E 56 13.63 -22.02 28.69
C GLY E 56 14.08 -20.78 27.93
N SER E 57 13.27 -20.30 26.98
CA SER E 57 13.63 -19.20 26.04
C SER E 57 12.58 -18.08 26.00
N THR E 58 13.05 -16.83 25.96
CA THR E 58 12.28 -15.61 25.60
C THR E 58 12.83 -15.08 24.28
N TYR E 59 12.05 -14.29 23.56
CA TYR E 59 12.43 -13.70 22.27
C TYR E 59 11.69 -12.36 22.11
N TYR E 60 12.28 -11.46 21.32
CA TYR E 60 11.86 -10.05 21.18
C TYR E 60 12.05 -9.63 19.73
N ASN E 61 11.12 -8.80 19.25
CA ASN E 61 11.26 -8.01 18.00
C ASN E 61 12.35 -6.96 18.23
N THR E 62 12.90 -6.43 17.14
CA THR E 62 14.20 -5.73 17.16
C THR E 62 14.11 -4.49 18.08
N LYS E 63 13.01 -3.72 18.02
CA LYS E 63 12.95 -2.39 18.69
C LYS E 63 12.62 -2.57 20.19
N PHE E 64 12.60 -3.80 20.70
CA PHE E 64 12.29 -4.10 22.12
C PHE E 64 13.42 -4.90 22.79
N ILE E 65 14.44 -5.30 22.04
CA ILE E 65 15.47 -6.25 22.55
C ILE E 65 16.10 -5.70 23.83
N GLY E 66 16.45 -4.42 23.87
CA GLY E 66 17.21 -3.92 25.03
C GLY E 66 16.36 -3.67 26.26
N ARG E 67 15.02 -3.74 26.21
CA ARG E 67 14.19 -2.85 27.08
C ARG E 67 12.90 -3.48 27.62
N PHE E 68 12.41 -4.56 27.00
CA PHE E 68 11.21 -5.31 27.49
C PHE E 68 11.70 -6.67 28.00
N THR E 69 11.04 -7.17 29.04
CA THR E 69 11.28 -8.54 29.59
C THR E 69 9.93 -9.24 29.63
N ILE E 70 9.84 -10.44 29.03
CA ILE E 70 8.61 -11.29 29.10
C ILE E 70 8.85 -12.38 30.15
N SER E 71 7.89 -12.49 31.07
CA SER E 71 7.87 -13.41 32.24
C SER E 71 6.56 -14.20 32.20
N ARG E 72 6.54 -15.36 32.83
CA ARG E 72 5.40 -16.32 32.77
C ARG E 72 5.32 -17.10 34.08
N ASP E 73 4.13 -17.20 34.69
CA ASP E 73 3.86 -17.98 35.93
C ASP E 73 2.89 -19.12 35.59
N ASP E 74 3.44 -20.34 35.34
CA ASP E 74 2.72 -21.56 34.88
C ASP E 74 1.82 -22.14 35.99
N ASP E 75 1.78 -21.51 37.17
CA ASP E 75 0.91 -21.90 38.32
C ASP E 75 -0.38 -21.10 38.21
N THR E 76 -0.31 -19.77 38.24
CA THR E 76 -1.47 -18.85 38.13
C THR E 76 -2.01 -18.80 36.69
N ASN E 77 -1.31 -19.38 35.71
CA ASN E 77 -1.61 -19.31 34.26
C ASN E 77 -1.64 -17.85 33.76
N THR E 78 -0.65 -17.05 34.18
CA THR E 78 -0.53 -15.60 33.87
C THR E 78 0.75 -15.36 33.05
N LEU E 79 0.62 -14.61 31.95
CA LEU E 79 1.74 -14.07 31.15
C LEU E 79 1.96 -12.61 31.56
N TYR E 80 3.22 -12.17 31.55
CA TYR E 80 3.67 -10.81 31.95
C TYR E 80 4.54 -10.20 30.83
N LEU E 81 4.36 -8.88 30.59
CA LEU E 81 5.28 -8.02 29.78
C LEU E 81 5.67 -6.79 30.61
N GLN E 82 6.92 -6.79 31.10
CA GLN E 82 7.62 -5.65 31.71
C GLN E 82 8.11 -4.73 30.59
N MET E 83 7.71 -3.45 30.63
CA MET E 83 8.09 -2.43 29.63
C MET E 83 8.82 -1.29 30.35
N ASN E 84 10.03 -0.95 29.90
CA ASN E 84 10.90 0.13 30.47
C ASN E 84 11.26 1.10 29.35
N SER E 85 11.70 2.31 29.70
CA SER E 85 12.18 3.34 28.73
C SER E 85 11.07 3.58 27.72
N LEU E 86 9.88 3.98 28.19
CA LEU E 86 8.68 4.14 27.33
C LEU E 86 8.72 5.51 26.64
N ARG E 87 8.45 5.54 25.32
CA ARG E 87 8.24 6.77 24.50
C ARG E 87 6.84 6.74 23.85
N ALA E 88 6.40 7.86 23.30
CA ALA E 88 5.19 7.99 22.45
C ALA E 88 5.06 6.77 21.53
N GLU E 89 6.10 6.49 20.72
CA GLU E 89 6.19 5.30 19.83
C GLU E 89 5.52 4.08 20.49
N ASP E 90 5.48 4.00 21.82
CA ASP E 90 4.99 2.79 22.55
C ASP E 90 3.52 2.91 22.95
N THR E 91 2.92 4.10 22.84
CA THR E 91 1.44 4.28 22.95
C THR E 91 0.80 3.34 21.93
N ALA E 92 0.09 2.32 22.41
CA ALA E 92 -0.49 1.24 21.58
C ALA E 92 -1.39 0.32 22.43
N VAL E 93 -2.27 -0.41 21.74
CA VAL E 93 -3.05 -1.54 22.30
C VAL E 93 -2.10 -2.73 22.30
N TYR E 94 -1.89 -3.38 23.45
CA TYR E 94 -0.97 -4.53 23.63
C TYR E 94 -1.77 -5.81 23.81
N TYR E 95 -1.68 -6.72 22.86
CA TYR E 95 -2.40 -8.01 22.84
C TYR E 95 -1.48 -9.13 23.31
N CYS E 96 -2.00 -9.82 24.32
CA CYS E 96 -1.68 -11.21 24.75
C CYS E 96 -2.24 -12.18 23.70
N ALA E 97 -1.44 -13.15 23.23
CA ALA E 97 -1.85 -14.08 22.15
C ALA E 97 -1.09 -15.40 22.23
N ARG E 98 -1.72 -16.46 21.73
CA ARG E 98 -1.25 -17.87 21.78
C ARG E 98 -0.27 -18.04 20.63
N ASP E 99 0.99 -18.34 20.93
CA ASP E 99 2.05 -18.45 19.91
C ASP E 99 2.17 -19.91 19.46
N ASP E 100 1.90 -20.20 18.19
CA ASP E 100 2.22 -21.50 17.56
C ASP E 100 2.72 -21.24 16.14
N GLY E 101 3.58 -20.23 15.98
CA GLY E 101 3.85 -19.62 14.67
C GLY E 101 2.76 -18.61 14.35
N TYR E 102 1.58 -19.10 13.94
CA TYR E 102 0.35 -18.31 13.84
C TYR E 102 -0.24 -18.08 15.24
N PHE E 103 -1.22 -17.18 15.32
CA PHE E 103 -1.84 -16.70 16.58
C PHE E 103 -3.33 -17.03 16.57
N ASP E 104 -3.73 -18.20 17.11
CA ASP E 104 -5.12 -18.74 17.03
C ASP E 104 -6.03 -18.14 18.14
N THR E 105 -5.46 -17.61 19.23
CA THR E 105 -6.22 -17.06 20.39
C THR E 105 -5.65 -15.69 20.76
N TRP E 106 -6.50 -14.69 20.82
CA TRP E 106 -6.15 -13.30 21.22
C TRP E 106 -6.97 -12.94 22.48
N GLY E 107 -6.41 -12.05 23.31
CA GLY E 107 -7.18 -11.24 24.24
C GLY E 107 -7.91 -10.13 23.50
N GLN E 108 -8.61 -9.26 24.23
CA GLN E 108 -9.29 -8.05 23.70
C GLN E 108 -8.29 -6.89 23.69
N GLY E 109 -7.17 -7.07 24.38
CA GLY E 109 -6.04 -6.11 24.39
C GLY E 109 -6.31 -4.97 25.34
N THR E 110 -5.25 -4.37 25.88
CA THR E 110 -5.30 -3.19 26.78
C THR E 110 -4.47 -2.04 26.19
N LEU E 111 -4.92 -0.82 26.43
CA LEU E 111 -4.32 0.41 25.88
C LEU E 111 -3.32 0.98 26.87
N VAL E 112 -2.04 0.96 26.51
CA VAL E 112 -0.94 1.67 27.22
C VAL E 112 -0.76 3.02 26.53
N THR E 113 -1.03 4.13 27.24
CA THR E 113 -0.88 5.50 26.69
C THR E 113 0.33 6.15 27.36
N VAL E 114 1.34 6.53 26.59
CA VAL E 114 2.58 7.19 27.12
C VAL E 114 2.43 8.70 26.88
N SER E 115 2.33 9.47 27.96
CA SER E 115 1.97 10.93 27.95
C SER E 115 2.28 11.57 29.31
N SER E 116 2.48 12.89 29.32
CA SER E 116 2.84 13.67 30.53
C SER E 116 1.61 13.98 31.37
N ALA E 117 0.47 14.29 30.74
CA ALA E 117 -0.78 14.80 31.35
C ALA E 117 -1.32 13.87 32.45
N SER E 118 -2.28 14.37 33.20
CA SER E 118 -2.94 13.67 34.33
C SER E 118 -4.15 12.91 33.82
N THR E 119 -4.43 11.75 34.41
CA THR E 119 -5.75 11.07 34.34
C THR E 119 -6.82 12.09 34.72
N LYS E 120 -7.97 12.08 34.03
CA LYS E 120 -9.21 12.79 34.43
C LYS E 120 -10.41 12.02 33.90
N GLY E 121 -11.48 11.91 34.69
CA GLY E 121 -12.69 11.13 34.37
C GLY E 121 -13.78 12.00 33.74
N PRO E 122 -14.70 11.40 32.97
CA PRO E 122 -15.63 12.15 32.15
C PRO E 122 -16.83 12.65 32.97
N SER E 123 -17.48 13.71 32.51
CA SER E 123 -18.90 14.00 32.80
C SER E 123 -19.75 13.28 31.74
N VAL E 124 -20.85 12.67 32.16
CA VAL E 124 -21.81 12.00 31.23
C VAL E 124 -23.11 12.82 31.15
N PHE E 125 -23.35 13.44 29.99
CA PHE E 125 -24.51 14.32 29.74
C PHE E 125 -25.44 13.63 28.75
N PRO E 126 -26.76 13.62 28.98
CA PRO E 126 -27.70 13.05 28.01
C PRO E 126 -27.98 13.92 26.77
N LEU E 127 -28.07 13.27 25.61
CA LEU E 127 -28.63 13.83 24.36
C LEU E 127 -30.04 13.29 24.24
N ALA E 128 -31.03 14.12 24.61
CA ALA E 128 -32.44 13.70 24.81
C ALA E 128 -33.19 13.83 23.49
N PRO E 129 -34.10 12.88 23.20
CA PRO E 129 -34.93 12.95 21.99
C PRO E 129 -35.99 14.06 22.11
N SER E 130 -36.32 14.71 20.98
CA SER E 130 -37.37 15.76 20.84
C SER E 130 -38.76 15.10 20.80
N GLY E 137 -42.67 7.16 13.86
CA GLY E 137 -41.48 6.74 13.10
C GLY E 137 -40.27 6.52 14.00
N THR E 138 -39.08 6.86 13.49
CA THR E 138 -37.77 6.63 14.15
C THR E 138 -37.26 7.93 14.79
N ALA E 139 -36.67 7.82 15.98
CA ALA E 139 -36.23 8.92 16.87
C ALA E 139 -34.85 8.59 17.46
N ALA E 140 -33.99 9.61 17.64
CA ALA E 140 -32.57 9.46 18.05
C ALA E 140 -32.36 10.06 19.44
N LEU E 141 -31.55 9.38 20.26
CA LEU E 141 -31.08 9.84 21.59
C LEU E 141 -29.69 9.28 21.84
N GLY E 142 -29.01 9.75 22.90
CA GLY E 142 -27.61 9.38 23.16
C GLY E 142 -27.04 9.94 24.46
N CYS E 143 -25.74 9.70 24.65
CA CYS E 143 -24.95 10.16 25.81
C CYS E 143 -23.72 10.88 25.25
N LEU E 144 -23.38 12.02 25.84
CA LEU E 144 -22.12 12.76 25.61
C LEU E 144 -21.16 12.46 26.77
N VAL E 145 -20.06 11.76 26.49
CA VAL E 145 -18.97 11.48 27.46
C VAL E 145 -17.85 12.51 27.22
N LYS E 146 -17.64 13.43 28.17
CA LYS E 146 -16.92 14.71 27.95
C LYS E 146 -15.73 14.84 28.91
N ASP E 147 -14.65 15.46 28.41
CA ASP E 147 -13.43 15.93 29.13
C ASP E 147 -12.79 14.80 29.92
N TYR E 148 -12.34 13.73 29.25
CA TYR E 148 -11.64 12.59 29.90
C TYR E 148 -10.26 12.37 29.27
N PHE E 149 -9.40 11.72 30.03
CA PHE E 149 -8.04 11.32 29.60
C PHE E 149 -7.53 10.24 30.55
N PRO E 150 -6.70 9.29 30.06
CA PRO E 150 -6.56 9.03 28.63
C PRO E 150 -7.70 8.18 28.06
N GLU E 151 -7.61 7.74 26.80
CA GLU E 151 -8.51 6.68 26.28
C GLU E 151 -8.19 5.38 27.03
N PRO E 152 -9.09 4.37 27.10
CA PRO E 152 -10.38 4.37 26.45
C PRO E 152 -11.59 4.54 27.38
N VAL E 153 -12.72 4.83 26.74
CA VAL E 153 -14.08 4.81 27.34
C VAL E 153 -14.89 3.77 26.58
N THR E 154 -15.51 2.83 27.28
CA THR E 154 -16.53 1.88 26.76
C THR E 154 -17.93 2.47 27.00
N VAL E 155 -18.81 2.30 26.02
CA VAL E 155 -20.26 2.65 26.14
C VAL E 155 -21.10 1.45 25.70
N SER E 156 -22.00 1.00 26.57
CA SER E 156 -23.08 0.05 26.24
C SER E 156 -24.42 0.74 26.51
N TRP E 157 -25.54 0.16 26.07
CA TRP E 157 -26.93 0.67 26.23
C TRP E 157 -27.82 -0.43 26.82
N ASN E 158 -28.57 -0.10 27.87
CA ASN E 158 -29.43 -1.03 28.68
C ASN E 158 -28.62 -2.30 28.97
N SER E 159 -27.37 -2.13 29.37
CA SER E 159 -26.44 -3.18 29.85
C SER E 159 -26.22 -4.27 28.81
N GLY E 160 -26.31 -3.95 27.53
CA GLY E 160 -26.04 -4.91 26.44
C GLY E 160 -27.30 -5.47 25.80
N ALA E 161 -28.45 -5.27 26.44
CA ALA E 161 -29.79 -5.76 26.00
C ALA E 161 -30.29 -4.94 24.79
N LEU E 162 -29.64 -3.82 24.48
CA LEU E 162 -29.92 -2.94 23.31
C LEU E 162 -28.61 -2.69 22.57
N THR E 163 -28.47 -3.25 21.37
CA THR E 163 -27.20 -3.29 20.60
C THR E 163 -27.45 -2.79 19.18
N SER E 164 -28.47 -3.31 18.50
CA SER E 164 -28.86 -2.88 17.13
C SER E 164 -29.33 -1.43 17.20
N GLY E 165 -28.93 -0.61 16.20
CA GLY E 165 -29.27 0.81 16.09
C GLY E 165 -28.20 1.71 16.70
N VAL E 166 -27.24 1.15 17.44
CA VAL E 166 -26.25 1.90 18.27
C VAL E 166 -25.03 2.32 17.43
N HIS E 167 -24.42 3.46 17.80
CA HIS E 167 -23.21 4.05 17.19
C HIS E 167 -22.44 4.83 18.26
N THR E 168 -21.34 4.24 18.74
CA THR E 168 -20.39 4.87 19.70
C THR E 168 -19.24 5.48 18.90
N PHE E 169 -19.21 6.80 18.73
CA PHE E 169 -18.30 7.45 17.77
C PHE E 169 -16.87 7.36 18.28
N PRO E 170 -15.87 7.45 17.37
CA PRO E 170 -14.50 7.76 17.77
C PRO E 170 -14.41 9.03 18.61
N ALA E 171 -13.57 8.97 19.64
CA ALA E 171 -13.22 10.10 20.53
C ALA E 171 -12.48 11.17 19.71
N VAL E 172 -12.81 12.44 19.93
CA VAL E 172 -12.09 13.61 19.35
C VAL E 172 -11.24 14.21 20.47
N LEU E 173 -9.97 14.52 20.17
CA LEU E 173 -9.07 15.20 21.13
C LEU E 173 -9.34 16.70 21.05
N GLN E 174 -9.84 17.29 22.14
CA GLN E 174 -10.25 18.72 22.17
C GLN E 174 -8.98 19.58 22.22
N SER E 175 -9.08 20.85 21.85
CA SER E 175 -7.97 21.84 21.96
C SER E 175 -7.46 21.87 23.41
N SER E 176 -8.31 21.46 24.37
CA SER E 176 -8.02 21.37 25.84
C SER E 176 -7.09 20.19 26.17
N GLY E 177 -6.97 19.19 25.30
CA GLY E 177 -6.10 18.03 25.54
C GLY E 177 -6.85 16.91 26.22
N LEU E 178 -8.15 17.11 26.44
CA LEU E 178 -9.09 16.08 26.97
C LEU E 178 -9.95 15.54 25.83
N TYR E 179 -10.38 14.29 25.94
CA TYR E 179 -11.22 13.61 24.92
C TYR E 179 -12.71 13.88 25.19
N SER E 180 -13.50 13.84 24.14
CA SER E 180 -14.98 13.89 24.17
C SER E 180 -15.54 12.94 23.11
N LEU E 181 -16.58 12.20 23.49
CA LEU E 181 -17.12 11.03 22.75
C LEU E 181 -18.64 11.05 22.86
N SER E 182 -19.37 10.82 21.76
CA SER E 182 -20.84 10.62 21.77
C SER E 182 -21.13 9.14 21.53
N SER E 183 -22.15 8.60 22.19
CA SER E 183 -22.80 7.33 21.83
C SER E 183 -24.27 7.65 21.62
N VAL E 184 -24.86 7.14 20.54
CA VAL E 184 -26.25 7.47 20.15
C VAL E 184 -26.91 6.17 19.74
N VAL E 185 -28.24 6.12 19.85
CA VAL E 185 -29.06 4.95 19.39
C VAL E 185 -30.36 5.48 18.79
N THR E 186 -30.77 4.94 17.64
CA THR E 186 -32.08 5.18 17.00
C THR E 186 -33.05 4.12 17.53
N VAL E 187 -34.27 4.54 17.87
CA VAL E 187 -35.31 3.64 18.45
C VAL E 187 -36.67 4.12 17.96
N PRO E 188 -37.71 3.27 18.05
CA PRO E 188 -39.08 3.71 17.77
C PRO E 188 -39.53 4.93 18.58
N SER E 189 -40.29 5.86 17.96
CA SER E 189 -40.82 7.09 18.60
C SER E 189 -41.91 6.73 19.62
N SER E 190 -42.80 5.81 19.27
CA SER E 190 -43.87 5.24 20.13
C SER E 190 -43.28 4.83 21.49
N SER E 191 -42.07 4.22 21.45
CA SER E 191 -41.38 3.53 22.57
C SER E 191 -40.92 4.51 23.67
N LEU E 192 -40.65 5.78 23.33
CA LEU E 192 -40.21 6.82 24.29
C LEU E 192 -41.27 6.95 25.40
N GLY E 193 -40.84 7.01 26.67
CA GLY E 193 -41.74 7.01 27.84
C GLY E 193 -42.07 5.59 28.31
N THR E 194 -42.66 4.78 27.43
CA THR E 194 -43.03 3.35 27.66
C THR E 194 -41.79 2.52 28.07
N LYS E 195 -40.65 2.76 27.41
CA LYS E 195 -39.40 1.97 27.53
C LYS E 195 -38.30 2.88 28.09
N THR E 196 -37.44 2.35 28.97
CA THR E 196 -36.35 3.10 29.64
C THR E 196 -34.99 2.79 28.99
N TYR E 197 -34.21 3.85 28.78
CA TYR E 197 -32.93 3.87 28.02
C TYR E 197 -31.82 4.43 28.91
N ILE E 198 -30.82 3.60 29.19
CA ILE E 198 -29.67 3.93 30.07
C ILE E 198 -28.40 3.65 29.26
N CYS E 199 -27.49 4.62 29.15
CA CYS E 199 -26.12 4.35 28.64
C CYS E 199 -25.22 3.97 29.83
N ASN E 200 -24.47 2.89 29.66
CA ASN E 200 -23.47 2.38 30.63
C ASN E 200 -22.08 2.85 30.15
N VAL E 201 -21.53 3.86 30.84
CA VAL E 201 -20.24 4.52 30.51
C VAL E 201 -19.20 4.08 31.53
N ASN E 202 -18.12 3.45 31.06
CA ASN E 202 -16.98 3.01 31.90
C ASN E 202 -15.73 3.71 31.41
N HIS E 203 -14.96 4.31 32.33
CA HIS E 203 -13.61 4.86 32.05
C HIS E 203 -12.65 4.31 33.12
N LYS E 204 -12.11 3.12 32.88
CA LYS E 204 -11.32 2.35 33.86
C LYS E 204 -10.15 3.18 34.39
N PRO E 205 -9.35 3.92 33.56
CA PRO E 205 -8.25 4.74 34.08
C PRO E 205 -8.59 5.60 35.32
N SER E 206 -9.75 6.26 35.32
CA SER E 206 -10.17 7.17 36.41
C SER E 206 -11.09 6.45 37.41
N ASN E 207 -11.50 5.21 37.14
CA ASN E 207 -12.48 4.45 37.97
C ASN E 207 -13.78 5.26 38.04
N THR E 208 -14.21 5.78 36.89
CA THR E 208 -15.55 6.35 36.66
C THR E 208 -16.42 5.29 36.00
N LYS E 209 -17.52 4.89 36.65
CA LYS E 209 -18.60 4.10 36.03
C LYS E 209 -19.93 4.79 36.31
N VAL E 210 -20.69 5.07 35.25
CA VAL E 210 -21.99 5.78 35.34
C VAL E 210 -23.03 5.01 34.52
N ASP E 211 -24.25 4.93 35.08
CA ASP E 211 -25.47 4.41 34.41
C ASP E 211 -26.45 5.58 34.30
N LYS E 212 -26.29 6.39 33.24
CA LYS E 212 -27.11 7.61 32.96
C LYS E 212 -28.36 7.23 32.17
N LYS E 213 -29.54 7.47 32.76
CA LYS E 213 -30.86 7.39 32.08
C LYS E 213 -31.01 8.62 31.17
N VAL E 214 -31.47 8.40 29.94
CA VAL E 214 -31.79 9.48 28.97
C VAL E 214 -33.31 9.49 28.77
N GLU E 215 -33.95 10.61 29.11
CA GLU E 215 -35.42 10.82 29.01
C GLU E 215 -35.68 12.16 28.34
N PRO E 216 -36.92 12.43 27.87
CA PRO E 216 -37.20 13.55 26.96
C PRO E 216 -37.45 14.97 27.47
N LYS E 217 -37.13 15.31 28.73
CA LYS E 217 -37.07 16.73 29.20
C LYS E 217 -38.50 17.21 29.54
N SER E 218 -39.19 17.95 28.66
CA SER E 218 -40.53 18.56 28.90
C SER E 218 -41.33 18.72 27.60
N ALA F 1 15.85 -10.49 9.46
CA ALA F 1 14.40 -10.07 9.62
C ALA F 1 13.68 -10.16 8.27
N ILE F 2 12.68 -11.03 8.13
CA ILE F 2 11.92 -11.25 6.86
C ILE F 2 10.91 -10.09 6.70
N GLN F 3 11.06 -9.29 5.64
CA GLN F 3 10.20 -8.12 5.35
CA GLN F 3 10.18 -8.12 5.36
C GLN F 3 8.97 -8.62 4.56
N MET F 4 7.77 -8.36 5.08
CA MET F 4 6.49 -8.71 4.39
C MET F 4 5.92 -7.47 3.72
N THR F 5 5.45 -7.63 2.47
CA THR F 5 4.98 -6.52 1.60
C THR F 5 3.57 -6.85 1.10
N GLN F 6 2.56 -6.34 1.81
CA GLN F 6 1.13 -6.62 1.53
C GLN F 6 0.63 -5.60 0.51
N SER F 7 -0.32 -5.97 -0.34
CA SER F 7 -0.91 -5.04 -1.35
C SER F 7 -2.35 -5.41 -1.71
N PRO F 8 -3.19 -4.41 -2.04
CA PRO F 8 -2.85 -3.00 -1.85
C PRO F 8 -3.00 -2.52 -0.38
N SER F 9 -2.48 -1.33 -0.07
CA SER F 9 -2.69 -0.56 1.18
C SER F 9 -4.15 -0.69 1.60
N SER F 10 -5.02 -0.52 0.60
CA SER F 10 -6.50 -0.50 0.74
C SER F 10 -7.15 -0.82 -0.61
N LEU F 11 -8.43 -1.14 -0.60
CA LEU F 11 -9.22 -1.38 -1.84
C LEU F 11 -10.71 -1.33 -1.52
N SER F 12 -11.54 -1.41 -2.56
CA SER F 12 -12.96 -1.02 -2.52
C SER F 12 -13.70 -1.89 -3.52
N ALA F 13 -14.62 -2.72 -3.04
CA ALA F 13 -15.34 -3.70 -3.87
C ALA F 13 -16.81 -3.80 -3.43
N SER F 14 -17.68 -4.15 -4.38
CA SER F 14 -19.13 -4.30 -4.17
C SER F 14 -19.39 -5.69 -3.59
N VAL F 15 -20.58 -5.87 -3.00
CA VAL F 15 -20.97 -7.18 -2.41
C VAL F 15 -21.12 -8.19 -3.57
N GLY F 16 -20.40 -9.30 -3.51
CA GLY F 16 -20.46 -10.36 -4.52
C GLY F 16 -19.19 -10.44 -5.32
N ASP F 17 -18.34 -9.41 -5.26
CA ASP F 17 -17.05 -9.36 -6.00
C ASP F 17 -16.06 -10.37 -5.39
N ARG F 18 -15.21 -10.96 -6.24
CA ARG F 18 -14.02 -11.76 -5.82
C ARG F 18 -12.91 -10.76 -5.61
N VAL F 19 -12.21 -10.85 -4.49
CA VAL F 19 -11.16 -9.87 -4.06
C VAL F 19 -9.85 -10.64 -3.85
N THR F 20 -8.72 -10.00 -4.18
CA THR F 20 -7.37 -10.59 -4.11
C THR F 20 -6.51 -9.70 -3.22
N ILE F 21 -5.78 -10.27 -2.26
CA ILE F 21 -4.76 -9.53 -1.46
C ILE F 21 -3.45 -10.33 -1.47
N THR F 22 -2.36 -9.69 -1.89
CA THR F 22 -1.06 -10.34 -2.17
C THR F 22 -0.10 -10.03 -1.01
N CYS F 23 0.83 -10.95 -0.76
CA CYS F 23 1.83 -10.84 0.31
C CYS F 23 3.15 -11.42 -0.22
N HIS F 24 4.23 -10.63 -0.23
CA HIS F 24 5.57 -11.08 -0.67
C HIS F 24 6.59 -11.04 0.50
N GLY F 25 7.23 -12.18 0.76
CA GLY F 25 8.32 -12.33 1.74
C GLY F 25 9.68 -12.16 1.11
N SER F 26 10.67 -11.72 1.90
CA SER F 26 12.05 -11.41 1.44
C SER F 26 12.86 -12.71 1.33
N TYR F 27 12.44 -13.78 2.01
CA TYR F 27 13.01 -15.15 1.88
C TYR F 27 11.85 -16.13 1.66
N TRP F 28 12.17 -17.34 1.16
CA TRP F 28 11.21 -18.45 0.95
C TRP F 28 10.63 -18.85 2.31
N LEU F 29 9.30 -18.91 2.43
CA LEU F 29 8.54 -19.11 3.70
C LEU F 29 7.83 -20.47 3.77
N SER F 30 7.66 -21.19 2.64
CA SER F 30 7.18 -22.60 2.63
C SER F 30 5.85 -22.75 3.38
N ASN F 31 4.94 -21.79 3.25
CA ASN F 31 3.57 -21.78 3.83
C ASN F 31 3.57 -21.47 5.35
N TYR F 32 4.71 -21.07 5.94
CA TYR F 32 4.76 -20.61 7.35
C TYR F 32 4.20 -19.19 7.36
N LEU F 33 2.89 -19.08 7.08
CA LEU F 33 2.18 -17.83 6.69
C LEU F 33 0.72 -17.94 7.15
N ALA F 34 0.18 -16.89 7.74
CA ALA F 34 -1.23 -16.78 8.19
C ALA F 34 -1.84 -15.48 7.68
N TRP F 35 -3.17 -15.47 7.49
CA TRP F 35 -3.96 -14.27 7.14
C TRP F 35 -4.90 -13.96 8.29
N TYR F 36 -4.91 -12.70 8.78
CA TYR F 36 -5.77 -12.24 9.90
C TYR F 36 -6.83 -11.27 9.39
N GLN F 37 -8.05 -11.35 9.93
CA GLN F 37 -9.13 -10.35 9.75
C GLN F 37 -9.25 -9.60 11.06
N GLN F 38 -9.12 -8.26 11.05
CA GLN F 38 -9.33 -7.35 12.20
C GLN F 38 -10.46 -6.36 11.89
N LYS F 39 -11.59 -6.47 12.60
CA LYS F 39 -12.75 -5.53 12.51
C LYS F 39 -12.50 -4.37 13.47
N PRO F 40 -13.00 -3.15 13.18
CA PRO F 40 -12.57 -1.96 13.90
C PRO F 40 -12.92 -2.00 15.40
N GLY F 41 -11.89 -1.91 16.25
CA GLY F 41 -12.02 -1.79 17.72
C GLY F 41 -11.58 -3.07 18.42
N LYS F 42 -11.59 -4.20 17.70
CA LYS F 42 -11.39 -5.54 18.30
C LYS F 42 -10.08 -6.21 17.84
N ALA F 43 -9.66 -7.24 18.56
CA ALA F 43 -8.41 -7.97 18.31
C ALA F 43 -8.52 -8.70 16.97
N PRO F 44 -7.37 -8.98 16.32
CA PRO F 44 -7.36 -9.87 15.17
C PRO F 44 -8.04 -11.23 15.39
N LYS F 45 -8.71 -11.72 14.35
CA LYS F 45 -9.21 -13.11 14.22
C LYS F 45 -8.34 -13.83 13.18
N LEU F 46 -7.85 -15.03 13.48
CA LEU F 46 -7.14 -15.86 12.47
C LEU F 46 -8.14 -16.30 11.41
N LEU F 47 -7.77 -16.25 10.13
CA LEU F 47 -8.57 -16.77 9.00
C LEU F 47 -7.86 -17.98 8.42
N ILE F 48 -6.72 -17.72 7.79
CA ILE F 48 -5.86 -18.75 7.14
C ILE F 48 -4.59 -18.88 7.98
N TYR F 49 -4.11 -20.12 8.11
CA TYR F 49 -2.85 -20.49 8.79
C TYR F 49 -2.20 -21.60 7.96
N ASP F 50 -0.87 -21.72 8.00
CA ASP F 50 -0.09 -22.66 7.15
C ASP F 50 -0.45 -22.44 5.67
N GLY F 51 -0.75 -21.19 5.31
CA GLY F 51 -0.84 -20.72 3.92
C GLY F 51 -2.23 -20.87 3.34
N LYS F 52 -2.89 -22.01 3.58
CA LYS F 52 -4.16 -22.38 2.90
C LYS F 52 -5.09 -23.20 3.81
N GLU F 53 -4.71 -23.45 5.07
CA GLU F 53 -5.58 -24.12 6.07
C GLU F 53 -6.57 -23.09 6.60
N ARG F 54 -7.87 -23.40 6.59
CA ARG F 54 -8.94 -22.49 7.06
C ARG F 54 -9.27 -22.79 8.52
N GLU F 55 -9.15 -21.79 9.40
CA GLU F 55 -9.53 -21.89 10.85
C GLU F 55 -11.01 -22.30 10.91
N HIS F 56 -11.38 -23.12 11.91
CA HIS F 56 -12.76 -23.61 12.14
C HIS F 56 -13.72 -22.42 12.22
N GLY F 57 -14.91 -22.53 11.66
CA GLY F 57 -15.92 -21.45 11.70
C GLY F 57 -15.74 -20.42 10.58
N VAL F 58 -14.53 -20.23 10.06
CA VAL F 58 -14.26 -19.31 8.92
C VAL F 58 -15.04 -19.81 7.71
N PRO F 59 -15.91 -18.98 7.08
CA PRO F 59 -16.58 -19.35 5.83
C PRO F 59 -15.63 -19.79 4.70
N SER F 60 -16.16 -20.54 3.73
CA SER F 60 -15.38 -21.19 2.66
C SER F 60 -14.99 -20.19 1.56
N ARG F 61 -15.50 -18.96 1.59
CA ARG F 61 -15.21 -17.93 0.54
C ARG F 61 -13.84 -17.28 0.74
N PHE F 62 -13.30 -17.26 1.96
CA PHE F 62 -11.90 -16.89 2.32
C PHE F 62 -10.96 -18.05 1.98
N SER F 63 -10.03 -17.89 1.05
CA SER F 63 -9.07 -18.97 0.72
C SER F 63 -7.65 -18.40 0.57
N GLY F 64 -6.67 -19.21 0.98
CA GLY F 64 -5.24 -18.85 0.93
C GLY F 64 -4.53 -19.73 -0.06
N SER F 65 -3.43 -19.22 -0.63
CA SER F 65 -2.66 -19.86 -1.71
C SER F 65 -1.29 -19.21 -1.76
N GLY F 66 -0.43 -19.73 -2.66
CA GLY F 66 0.95 -19.26 -2.88
C GLY F 66 1.96 -20.30 -2.43
N SER F 67 3.24 -20.00 -2.56
CA SER F 67 4.38 -20.83 -2.09
C SER F 67 5.59 -19.91 -1.91
N HIS F 68 6.78 -20.46 -1.67
CA HIS F 68 8.04 -19.70 -1.84
C HIS F 68 7.90 -18.33 -1.17
N GLU F 69 7.74 -17.25 -1.94
CA GLU F 69 7.71 -15.87 -1.40
C GLU F 69 6.31 -15.25 -1.54
N ASP F 70 5.52 -15.66 -2.53
CA ASP F 70 4.36 -14.86 -3.00
C ASP F 70 3.09 -15.59 -2.58
N TYR F 71 2.25 -14.96 -1.75
CA TYR F 71 1.01 -15.53 -1.18
C TYR F 71 -0.17 -14.60 -1.41
N THR F 72 -1.38 -15.18 -1.44
CA THR F 72 -2.63 -14.51 -1.91
C THR F 72 -3.83 -14.96 -1.08
N LEU F 73 -4.41 -14.05 -0.31
CA LEU F 73 -5.75 -14.17 0.30
C LEU F 73 -6.78 -13.84 -0.79
N THR F 74 -7.76 -14.72 -1.00
CA THR F 74 -8.88 -14.53 -1.95
C THR F 74 -10.20 -14.65 -1.18
N ILE F 75 -10.94 -13.53 -1.09
CA ILE F 75 -12.35 -13.46 -0.64
C ILE F 75 -13.22 -13.57 -1.89
N SER F 76 -13.87 -14.72 -2.07
CA SER F 76 -14.54 -15.12 -3.34
C SER F 76 -15.81 -14.29 -3.53
N SER F 77 -16.74 -14.27 -2.57
CA SER F 77 -18.03 -13.54 -2.70
C SER F 77 -18.18 -12.56 -1.54
N LEU F 78 -17.70 -11.33 -1.75
CA LEU F 78 -17.55 -10.29 -0.71
C LEU F 78 -18.90 -9.98 -0.06
N GLN F 79 -18.95 -9.91 1.26
CA GLN F 79 -20.18 -9.63 2.06
C GLN F 79 -20.00 -8.32 2.82
N PRO F 80 -21.09 -7.64 3.23
CA PRO F 80 -20.98 -6.40 4.01
C PRO F 80 -20.21 -6.50 5.32
N GLU F 81 -20.13 -7.70 5.93
CA GLU F 81 -19.43 -7.92 7.23
C GLU F 81 -17.94 -8.18 7.02
N ASP F 82 -17.51 -8.40 5.77
CA ASP F 82 -16.08 -8.61 5.39
C ASP F 82 -15.35 -7.27 5.41
N PHE F 83 -16.08 -6.13 5.39
CA PHE F 83 -15.47 -4.83 5.74
C PHE F 83 -14.61 -5.09 6.96
N ALA F 84 -13.29 -5.00 6.79
CA ALA F 84 -12.28 -5.19 7.85
C ALA F 84 -10.90 -4.78 7.31
N THR F 85 -9.85 -5.04 8.08
CA THR F 85 -8.45 -4.82 7.67
C THR F 85 -7.70 -6.15 7.77
N TYR F 86 -7.21 -6.64 6.63
CA TYR F 86 -6.58 -7.97 6.51
C TYR F 86 -5.07 -7.78 6.56
N TYR F 87 -4.38 -8.64 7.31
CA TYR F 87 -2.91 -8.69 7.47
C TYR F 87 -2.45 -10.11 7.15
N CYS F 88 -1.27 -10.24 6.55
CA CYS F 88 -0.53 -11.52 6.50
C CYS F 88 0.56 -11.50 7.57
N GLN F 89 0.99 -12.69 8.02
CA GLN F 89 2.04 -12.87 9.05
C GLN F 89 2.91 -14.07 8.67
N GLN F 90 4.21 -13.84 8.60
CA GLN F 90 5.26 -14.88 8.46
C GLN F 90 5.56 -15.43 9.86
N TYR F 91 5.81 -16.74 10.00
CA TYR F 91 6.30 -17.34 11.28
C TYR F 91 7.33 -18.45 11.03
N ARG F 92 8.07 -18.41 9.92
CA ARG F 92 9.16 -19.39 9.65
C ARG F 92 10.41 -18.97 10.42
N TYR F 93 10.72 -17.68 10.44
CA TYR F 93 11.97 -17.15 11.04
C TYR F 93 11.67 -15.95 11.94
N HIS F 94 12.14 -16.02 13.18
CA HIS F 94 12.13 -14.90 14.14
C HIS F 94 12.90 -13.73 13.51
N PRO F 95 12.43 -12.47 13.72
CA PRO F 95 11.22 -12.20 14.49
C PRO F 95 10.00 -12.37 13.58
N TYR F 96 8.87 -12.80 14.15
CA TYR F 96 7.57 -12.85 13.43
C TYR F 96 7.36 -11.46 12.84
N THR F 97 7.01 -11.40 11.55
CA THR F 97 6.77 -10.14 10.82
C THR F 97 5.41 -10.23 10.11
N PHE F 98 4.63 -9.15 10.17
CA PHE F 98 3.34 -8.97 9.46
C PHE F 98 3.51 -8.04 8.27
N GLY F 99 2.59 -8.14 7.31
CA GLY F 99 2.41 -7.08 6.29
C GLY F 99 1.87 -5.79 6.89
N GLN F 100 1.83 -4.73 6.07
CA GLN F 100 1.49 -3.35 6.49
C GLN F 100 -0.02 -3.25 6.73
N GLY F 101 -0.81 -4.13 6.09
CA GLY F 101 -2.27 -4.14 6.22
C GLY F 101 -2.98 -3.72 4.94
N THR F 102 -4.16 -4.29 4.74
CA THR F 102 -5.09 -4.02 3.62
C THR F 102 -6.48 -3.70 4.19
N LYS F 103 -6.84 -2.41 4.16
CA LYS F 103 -8.13 -1.85 4.64
C LYS F 103 -9.16 -2.01 3.53
N LEU F 104 -10.11 -2.93 3.73
CA LEU F 104 -11.12 -3.30 2.71
C LEU F 104 -12.40 -2.49 2.96
N GLU F 105 -12.86 -1.78 1.94
CA GLU F 105 -14.06 -0.89 1.99
C GLU F 105 -15.11 -1.44 1.03
N ILE F 106 -16.36 -1.52 1.49
CA ILE F 106 -17.51 -2.03 0.70
C ILE F 106 -18.11 -0.86 -0.07
N LYS F 107 -18.36 -1.03 -1.37
CA LYS F 107 -19.19 -0.12 -2.20
C LYS F 107 -20.66 -0.49 -1.98
N ARG F 108 -21.59 0.45 -2.17
CA ARG F 108 -23.05 0.20 -2.10
C ARG F 108 -23.83 1.39 -2.63
N THR F 109 -25.16 1.28 -2.70
CA THR F 109 -26.07 2.33 -3.24
C THR F 109 -25.95 3.60 -2.38
N VAL F 110 -26.20 4.75 -3.00
CA VAL F 110 -26.28 6.05 -2.27
C VAL F 110 -27.45 5.99 -1.28
N ALA F 111 -27.30 6.63 -0.13
CA ALA F 111 -28.20 6.53 1.04
C ALA F 111 -28.05 7.80 1.88
N ALA F 112 -29.12 8.57 1.95
CA ALA F 112 -29.19 9.88 2.63
C ALA F 112 -29.06 9.72 4.13
N PRO F 113 -28.46 10.68 4.85
CA PRO F 113 -28.51 10.67 6.31
C PRO F 113 -29.90 11.03 6.82
N SER F 114 -30.34 10.38 7.90
CA SER F 114 -31.35 10.92 8.82
C SER F 114 -30.60 11.83 9.80
N VAL F 115 -31.07 13.07 9.93
CA VAL F 115 -30.39 14.13 10.72
C VAL F 115 -31.19 14.36 12.01
N PHE F 116 -30.47 14.47 13.12
CA PHE F 116 -30.99 14.85 14.45
C PHE F 116 -30.03 15.90 15.04
N ILE F 117 -30.56 16.80 15.86
CA ILE F 117 -29.80 17.87 16.55
C ILE F 117 -30.19 17.82 18.01
N PHE F 118 -29.21 18.00 18.89
CA PHE F 118 -29.38 17.89 20.36
C PHE F 118 -29.00 19.22 21.00
N PRO F 119 -29.89 19.83 21.82
CA PRO F 119 -29.47 20.98 22.62
C PRO F 119 -28.50 20.43 23.67
N PRO F 120 -27.74 21.32 24.32
CA PRO F 120 -26.89 20.93 25.44
C PRO F 120 -27.80 20.58 26.62
N SER F 121 -27.39 19.60 27.41
CA SER F 121 -28.02 19.21 28.70
C SER F 121 -28.06 20.40 29.67
N ASP F 122 -29.05 20.43 30.57
CA ASP F 122 -29.12 21.44 31.66
C ASP F 122 -28.09 21.05 32.73
N GLU F 123 -27.81 19.75 32.88
CA GLU F 123 -26.73 19.23 33.75
CA GLU F 123 -26.71 19.20 33.72
C GLU F 123 -25.41 19.90 33.32
N GLN F 124 -25.17 19.97 32.01
CA GLN F 124 -23.94 20.50 31.41
C GLN F 124 -23.94 22.02 31.52
N LEU F 125 -25.07 22.66 31.26
CA LEU F 125 -25.13 24.14 31.33
C LEU F 125 -24.74 24.58 32.75
N LYS F 126 -25.21 23.86 33.76
CA LYS F 126 -24.74 24.02 35.16
C LYS F 126 -23.20 24.04 35.18
N SER F 127 -22.55 22.97 34.69
CA SER F 127 -21.06 22.85 34.66
C SER F 127 -20.38 24.11 34.08
N GLY F 128 -21.02 24.82 33.14
CA GLY F 128 -20.57 26.13 32.65
C GLY F 128 -20.24 26.15 31.16
N THR F 129 -20.20 24.98 30.52
CA THR F 129 -19.97 24.85 29.05
C THR F 129 -21.25 24.40 28.35
N ALA F 130 -21.34 24.64 27.04
CA ALA F 130 -22.46 24.23 26.18
C ALA F 130 -21.91 23.41 24.99
N SER F 131 -22.44 22.21 24.80
CA SER F 131 -22.07 21.28 23.70
C SER F 131 -23.33 20.93 22.91
N VAL F 132 -23.40 21.42 21.67
CA VAL F 132 -24.52 21.20 20.69
C VAL F 132 -24.07 20.13 19.70
N VAL F 133 -24.90 19.12 19.47
CA VAL F 133 -24.51 17.87 18.76
C VAL F 133 -25.47 17.64 17.60
N CYS F 134 -24.91 17.40 16.42
CA CYS F 134 -25.60 17.14 15.13
C CYS F 134 -25.27 15.72 14.71
N LEU F 135 -26.30 14.89 14.52
CA LEU F 135 -26.16 13.46 14.17
C LEU F 135 -26.65 13.23 12.75
N LEU F 136 -25.76 12.74 11.89
CA LEU F 136 -26.03 12.16 10.54
C LEU F 136 -25.97 10.63 10.67
N ASN F 137 -27.11 9.94 10.61
CA ASN F 137 -27.20 8.49 10.92
C ASN F 137 -27.28 7.67 9.61
N ASN F 138 -26.40 6.66 9.47
CA ASN F 138 -26.41 5.62 8.40
C ASN F 138 -26.59 6.24 7.01
N PHE F 139 -25.50 6.76 6.45
CA PHE F 139 -25.48 7.33 5.09
C PHE F 139 -24.34 6.66 4.33
N TYR F 140 -24.33 6.87 3.01
CA TYR F 140 -23.28 6.42 2.07
C TYR F 140 -23.34 7.31 0.85
N PRO F 141 -22.19 7.76 0.29
CA PRO F 141 -20.86 7.46 0.83
C PRO F 141 -20.43 8.43 1.95
N ARG F 142 -19.13 8.43 2.31
CA ARG F 142 -18.59 9.11 3.52
C ARG F 142 -18.66 10.64 3.41
N GLU F 143 -18.63 11.17 2.19
CA GLU F 143 -18.45 12.63 1.94
C GLU F 143 -19.77 13.37 2.23
N ALA F 144 -19.86 14.06 3.38
CA ALA F 144 -20.99 14.92 3.79
C ALA F 144 -20.49 16.27 4.34
N LYS F 145 -21.24 17.36 4.13
CA LYS F 145 -20.93 18.70 4.68
C LYS F 145 -21.97 19.04 5.76
N VAL F 146 -21.52 19.13 7.01
CA VAL F 146 -22.30 19.73 8.13
C VAL F 146 -21.87 21.20 8.26
N GLN F 147 -22.85 22.11 8.31
CA GLN F 147 -22.63 23.57 8.39
C GLN F 147 -23.51 24.13 9.51
N TRP F 148 -22.89 24.72 10.53
CA TRP F 148 -23.55 25.27 11.74
C TRP F 148 -24.02 26.70 11.51
N LYS F 149 -25.00 27.11 12.31
CA LYS F 149 -25.71 28.40 12.17
C LYS F 149 -26.34 28.76 13.51
N VAL F 150 -25.95 29.92 14.03
CA VAL F 150 -26.33 30.40 15.39
C VAL F 150 -26.94 31.79 15.19
N ASP F 151 -28.27 31.89 15.11
CA ASP F 151 -29.00 33.13 14.70
C ASP F 151 -28.50 33.56 13.32
N ASN F 152 -28.44 32.59 12.38
CA ASN F 152 -28.05 32.75 10.94
C ASN F 152 -26.56 33.11 10.80
N ALA F 153 -25.83 33.23 11.91
CA ALA F 153 -24.36 33.41 11.95
C ALA F 153 -23.66 32.08 11.63
N LEU F 154 -22.91 32.08 10.54
CA LEU F 154 -22.28 30.86 9.99
C LEU F 154 -21.06 30.55 10.85
N GLN F 155 -21.12 29.47 11.61
CA GLN F 155 -19.98 28.99 12.40
C GLN F 155 -18.98 28.32 11.44
N SER F 156 -17.70 28.71 11.55
CA SER F 156 -16.53 28.16 10.82
C SER F 156 -15.41 27.97 11.85
N GLY F 157 -15.03 26.73 12.16
CA GLY F 157 -13.84 26.42 12.99
C GLY F 157 -14.15 25.82 14.35
N ASN F 158 -15.23 26.19 15.05
CA ASN F 158 -15.46 25.84 16.50
C ASN F 158 -16.33 24.57 16.67
N SER F 159 -16.30 23.68 15.67
CA SER F 159 -16.96 22.35 15.72
C SER F 159 -15.95 21.26 15.36
N GLN F 160 -16.14 20.06 15.90
CA GLN F 160 -15.30 18.87 15.61
C GLN F 160 -16.20 17.75 15.12
N GLU F 161 -15.75 16.97 14.15
CA GLU F 161 -16.51 15.85 13.56
C GLU F 161 -15.81 14.53 13.91
N SER F 162 -16.60 13.47 13.99
CA SER F 162 -16.15 12.07 14.19
C SER F 162 -17.05 11.20 13.31
N VAL F 163 -16.48 10.18 12.68
CA VAL F 163 -17.16 9.30 11.69
C VAL F 163 -16.99 7.85 12.18
N THR F 164 -18.10 7.11 12.32
CA THR F 164 -18.05 5.67 12.68
C THR F 164 -17.34 4.96 11.54
N GLU F 165 -16.71 3.83 11.81
CA GLU F 165 -16.27 2.92 10.72
C GLU F 165 -17.52 2.36 10.02
N GLN F 166 -17.37 1.94 8.76
CA GLN F 166 -18.42 1.32 7.90
C GLN F 166 -19.13 0.19 8.67
N ASP F 167 -20.46 0.19 8.67
CA ASP F 167 -21.31 -0.75 9.45
C ASP F 167 -21.25 -2.15 8.86
N SER F 168 -21.17 -3.19 9.68
CA SER F 168 -20.94 -4.60 9.25
C SER F 168 -22.19 -5.21 8.58
N LYS F 169 -23.38 -4.61 8.74
CA LYS F 169 -24.63 -5.07 8.06
C LYS F 169 -24.89 -4.25 6.80
N ASP F 170 -25.10 -2.93 6.93
CA ASP F 170 -25.71 -2.09 5.86
C ASP F 170 -24.63 -1.24 5.20
N SER F 171 -23.38 -1.38 5.63
CA SER F 171 -22.18 -0.74 5.01
C SER F 171 -22.30 0.78 4.98
N THR F 172 -23.01 1.38 5.94
CA THR F 172 -23.22 2.85 6.03
C THR F 172 -22.25 3.48 7.03
N TYR F 173 -21.90 4.74 6.79
CA TYR F 173 -21.19 5.63 7.74
C TYR F 173 -22.24 6.36 8.59
N SER F 174 -21.86 6.77 9.80
CA SER F 174 -22.63 7.68 10.68
C SER F 174 -21.65 8.73 11.18
N LEU F 175 -22.10 9.95 11.43
CA LEU F 175 -21.23 11.12 11.74
C LEU F 175 -21.89 11.96 12.84
N SER F 176 -21.08 12.51 13.75
CA SER F 176 -21.48 13.46 14.82
C SER F 176 -20.62 14.71 14.72
N SER F 177 -21.26 15.89 14.71
CA SER F 177 -20.60 17.23 14.77
C SER F 177 -20.87 17.81 16.15
N THR F 178 -19.93 18.55 16.71
CA THR F 178 -20.03 19.07 18.09
C THR F 178 -19.63 20.55 18.07
N LEU F 179 -20.62 21.44 18.10
CA LEU F 179 -20.40 22.90 18.22
C LEU F 179 -20.23 23.24 19.69
N THR F 180 -18.99 23.50 20.16
CA THR F 180 -18.70 23.86 21.58
C THR F 180 -18.65 25.39 21.72
N LEU F 181 -19.30 25.95 22.74
CA LEU F 181 -19.22 27.39 23.10
C LEU F 181 -19.55 27.58 24.59
N SER F 182 -19.25 28.78 25.15
CA SER F 182 -19.43 29.14 26.58
C SER F 182 -20.93 29.09 26.92
N LYS F 183 -21.30 28.84 28.18
CA LYS F 183 -22.71 28.98 28.62
C LYS F 183 -23.20 30.40 28.29
N ALA F 184 -22.35 31.40 28.53
CA ALA F 184 -22.64 32.84 28.27
C ALA F 184 -23.04 33.01 26.81
N ASP F 185 -22.11 32.75 25.89
CA ASP F 185 -22.31 32.81 24.42
C ASP F 185 -23.58 32.02 24.02
N TYR F 186 -23.78 30.82 24.61
CA TYR F 186 -24.92 29.93 24.28
C TYR F 186 -26.22 30.68 24.57
N GLU F 187 -26.29 31.29 25.76
CA GLU F 187 -27.52 31.99 26.23
C GLU F 187 -27.63 33.34 25.52
N LYS F 188 -26.63 33.76 24.73
CA LYS F 188 -26.70 34.99 23.89
C LYS F 188 -27.70 34.80 22.76
N HIS F 189 -27.70 33.64 22.09
CA HIS F 189 -28.39 33.42 20.79
C HIS F 189 -29.63 32.54 20.96
N LYS F 190 -30.43 32.36 19.90
CA LYS F 190 -31.78 31.74 19.97
C LYS F 190 -31.87 30.45 19.12
N VAL F 191 -31.64 30.56 17.82
CA VAL F 191 -31.82 29.47 16.80
C VAL F 191 -30.47 28.78 16.54
N TYR F 192 -30.36 27.52 16.95
CA TYR F 192 -29.21 26.62 16.65
C TYR F 192 -29.62 25.68 15.52
N ALA F 193 -28.88 25.69 14.41
CA ALA F 193 -29.19 24.90 13.19
C ALA F 193 -27.93 24.19 12.70
N CYS F 194 -28.07 22.93 12.28
CA CYS F 194 -27.07 22.26 11.41
C CYS F 194 -27.80 21.87 10.13
N GLU F 195 -27.23 22.34 9.02
CA GLU F 195 -27.60 22.07 7.61
C GLU F 195 -26.64 20.99 7.12
N VAL F 196 -27.19 19.94 6.50
CA VAL F 196 -26.46 18.72 6.01
C VAL F 196 -26.60 18.65 4.49
N THR F 197 -25.46 18.65 3.78
CA THR F 197 -25.38 18.41 2.31
C THR F 197 -24.82 17.00 2.07
N HIS F 198 -25.35 16.27 1.08
CA HIS F 198 -25.01 14.85 0.78
C HIS F 198 -25.64 14.40 -0.54
N GLN F 199 -24.87 13.64 -1.32
CA GLN F 199 -25.26 13.03 -2.64
C GLN F 199 -26.73 12.56 -2.60
N GLY F 200 -27.16 11.90 -1.52
CA GLY F 200 -28.47 11.24 -1.39
C GLY F 200 -29.58 12.19 -0.96
N LEU F 201 -29.31 13.50 -0.88
CA LEU F 201 -30.35 14.54 -0.64
C LEU F 201 -30.46 15.42 -1.88
N SER F 202 -31.67 15.60 -2.42
CA SER F 202 -31.95 16.45 -3.61
C SER F 202 -31.63 17.91 -3.28
N SER F 203 -31.87 18.33 -2.03
CA SER F 203 -31.46 19.65 -1.50
C SER F 203 -31.15 19.52 -0.01
N PRO F 204 -30.23 20.37 0.52
CA PRO F 204 -29.74 20.24 1.90
C PRO F 204 -30.80 20.22 3.01
N VAL F 205 -30.71 19.25 3.94
CA VAL F 205 -31.65 19.09 5.10
C VAL F 205 -31.13 19.90 6.29
N THR F 206 -32.03 20.49 7.09
CA THR F 206 -31.70 21.42 8.21
C THR F 206 -32.56 21.10 9.43
N LYS F 207 -31.94 20.84 10.59
CA LYS F 207 -32.63 20.63 11.89
C LYS F 207 -32.26 21.79 12.81
N SER F 208 -33.24 22.38 13.48
CA SER F 208 -33.04 23.58 14.33
C SER F 208 -33.86 23.46 15.62
N PHE F 209 -33.47 24.24 16.62
CA PHE F 209 -34.14 24.36 17.93
C PHE F 209 -33.93 25.78 18.46
N ASN F 210 -34.92 26.28 19.21
CA ASN F 210 -34.89 27.59 19.88
C ASN F 210 -34.56 27.33 21.35
N ARG F 211 -33.68 28.13 21.95
CA ARG F 211 -33.38 28.06 23.40
C ARG F 211 -34.66 28.31 24.21
#